data_3X2X
#
_entry.id   3X2X
#
_cell.length_a   143.164
_cell.length_b   143.164
_cell.length_c   149.472
_cell.angle_alpha   90.00
_cell.angle_beta   90.00
_cell.angle_gamma   90.00
#
_symmetry.space_group_name_H-M   'P 41 21 2'
#
loop_
_entity.id
_entity.type
_entity.pdbx_description
1 polymer 'UPF0173 metal-dependent hydrolase TM_1162'
2 non-polymer 'MANGANESE (II) ION'
3 water water
#
_entity_poly.entity_id   1
_entity_poly.type   'polypeptide(L)'
_entity_poly.pdbx_seq_one_letter_code
;GMKVTFLGHAVVLIEGKKNIIIDPFISGNPVCPVKLEGLPKIDYILVTAGHGDHLGDAVEIAKKNDATVISNYEICHYLG
KKGVKTHAMHIGGSYLFDFGRVKMTPAVHGSGILDGDSMIYGGNPSGFLITIEGKKIYHAGDTGLTREMELLAEENVDVA
FLPIGGNFVMDVEDAVRAAVMIKPKKVVPMHYGTWELIFADVELFKKKVEEKGVECVILEPGESLEL
;
_entity_poly.pdbx_strand_id   A,B,C
#
loop_
_chem_comp.id
_chem_comp.type
_chem_comp.name
_chem_comp.formula
MN non-polymer 'MANGANESE (II) ION' 'Mn 2'
#
# COMPACT_ATOMS: atom_id res chain seq x y z
N GLY A 1 -26.74 18.83 15.41
CA GLY A 1 -27.19 17.64 14.64
C GLY A 1 -26.59 17.62 13.24
N MET A 2 -26.76 16.49 12.56
CA MET A 2 -26.37 16.36 11.15
C MET A 2 -27.04 15.14 10.54
N LYS A 3 -27.39 15.23 9.27
CA LYS A 3 -28.10 14.16 8.57
C LYS A 3 -27.18 13.44 7.59
N VAL A 4 -26.87 12.18 7.93
CA VAL A 4 -25.99 11.37 7.11
C VAL A 4 -26.80 10.47 6.21
N THR A 5 -26.78 10.75 4.90
CA THR A 5 -27.56 9.97 3.94
C THR A 5 -26.69 9.06 3.09
N PHE A 6 -27.07 7.79 3.02
CA PHE A 6 -26.40 6.81 2.16
C PHE A 6 -27.12 6.68 0.83
N LEU A 7 -26.44 6.99 -0.27
CA LEU A 7 -27.10 7.08 -1.57
C LEU A 7 -26.72 5.95 -2.52
N GLY A 8 -26.45 4.76 -1.98
CA GLY A 8 -26.13 3.58 -2.79
C GLY A 8 -24.65 3.45 -3.08
N HIS A 9 -24.18 2.21 -3.20
CA HIS A 9 -22.76 1.97 -3.41
C HIS A 9 -21.95 2.57 -2.26
N ALA A 10 -21.03 3.48 -2.55
CA ALA A 10 -20.19 4.08 -1.54
C ALA A 10 -20.54 5.53 -1.27
N VAL A 11 -21.58 6.04 -1.91
CA VAL A 11 -21.96 7.45 -1.77
C VAL A 11 -22.51 7.72 -0.37
N VAL A 12 -21.94 8.71 0.32
CA VAL A 12 -22.44 9.15 1.63
C VAL A 12 -22.55 10.69 1.68
N LEU A 13 -23.74 11.19 2.01
CA LEU A 13 -23.96 12.62 2.08
C LEU A 13 -24.14 13.09 3.52
N ILE A 14 -23.22 13.94 3.97
CA ILE A 14 -23.30 14.54 5.28
C ILE A 14 -23.82 15.95 5.17
N GLU A 15 -25.02 16.18 5.69
CA GLU A 15 -25.59 17.52 5.76
C GLU A 15 -25.47 18.06 7.18
N GLY A 16 -24.73 19.16 7.34
CA GLY A 16 -24.57 19.83 8.62
C GLY A 16 -24.44 21.34 8.41
N LYS A 17 -23.56 21.98 9.16
CA LYS A 17 -23.27 23.41 8.92
C LYS A 17 -22.58 23.60 7.58
N LYS A 18 -21.95 22.55 7.08
CA LYS A 18 -21.50 22.50 5.70
C LYS A 18 -21.91 21.15 5.10
N ASN A 19 -22.00 21.09 3.78
CA ASN A 19 -22.44 19.88 3.11
C ASN A 19 -21.27 19.16 2.47
N ILE A 20 -21.07 17.92 2.88
CA ILE A 20 -19.95 17.12 2.41
C ILE A 20 -20.46 15.83 1.80
N ILE A 21 -19.93 15.47 0.64
CA ILE A 21 -20.32 14.21 0.00
C ILE A 21 -19.06 13.38 -0.27
N ILE A 22 -19.13 12.09 0.06
CA ILE A 22 -17.99 11.18 -0.07
C ILE A 22 -18.23 10.23 -1.21
N ASP A 23 -17.24 10.15 -2.10
CA ASP A 23 -17.28 9.27 -3.27
C ASP A 23 -18.58 9.43 -4.07
N PRO A 24 -18.77 10.62 -4.68
CA PRO A 24 -20.00 10.99 -5.38
C PRO A 24 -20.17 10.27 -6.71
N PHE A 25 -20.34 8.96 -6.64
CA PHE A 25 -20.64 8.13 -7.79
C PHE A 25 -22.15 8.18 -7.99
N ILE A 26 -22.59 9.14 -8.79
CA ILE A 26 -24.03 9.45 -8.93
C ILE A 26 -24.59 9.07 -10.29
N SER A 27 -24.07 9.72 -11.34
CA SER A 27 -24.44 9.38 -12.71
C SER A 27 -23.84 8.03 -13.01
N GLY A 28 -24.69 7.12 -13.48
CA GLY A 28 -24.23 5.77 -13.76
C GLY A 28 -24.04 4.94 -12.51
N ASN A 29 -24.69 5.34 -11.42
CA ASN A 29 -24.78 4.51 -10.24
C ASN A 29 -26.17 3.88 -10.21
N PRO A 30 -26.31 2.66 -10.77
CA PRO A 30 -27.61 2.00 -10.96
C PRO A 30 -28.53 2.02 -9.73
N VAL A 31 -27.96 1.94 -8.54
CA VAL A 31 -28.77 1.87 -7.32
C VAL A 31 -28.89 3.21 -6.57
N CYS A 32 -28.34 4.28 -7.15
CA CYS A 32 -28.50 5.62 -6.59
C CYS A 32 -29.86 6.23 -6.97
N PRO A 33 -30.64 6.66 -5.96
CA PRO A 33 -31.98 7.20 -6.19
C PRO A 33 -32.03 8.55 -6.90
N VAL A 34 -31.01 9.38 -6.76
CA VAL A 34 -31.06 10.74 -7.28
C VAL A 34 -30.12 10.97 -8.46
N LYS A 35 -30.46 12.00 -9.25
CA LYS A 35 -29.57 12.53 -10.29
C LYS A 35 -28.62 13.52 -9.63
N LEU A 36 -27.77 14.16 -10.42
CA LEU A 36 -26.86 15.17 -9.87
C LEU A 36 -27.61 16.38 -9.34
N GLU A 37 -28.74 16.70 -9.97
CA GLU A 37 -29.54 17.86 -9.59
C GLU A 37 -30.33 17.57 -8.33
N GLY A 38 -30.38 16.30 -7.94
CA GLY A 38 -31.02 15.91 -6.69
C GLY A 38 -30.17 16.21 -5.47
N LEU A 39 -28.88 16.47 -5.67
CA LEU A 39 -28.00 16.82 -4.55
C LEU A 39 -28.22 18.27 -4.11
N PRO A 40 -28.09 18.53 -2.81
CA PRO A 40 -28.14 19.90 -2.31
C PRO A 40 -26.88 20.66 -2.65
N LYS A 41 -26.80 21.90 -2.20
CA LYS A 41 -25.59 22.69 -2.34
C LYS A 41 -24.44 21.93 -1.67
N ILE A 42 -23.38 21.69 -2.42
CA ILE A 42 -22.24 20.91 -1.93
C ILE A 42 -21.04 21.80 -1.67
N ASP A 43 -20.53 21.75 -0.44
CA ASP A 43 -19.37 22.56 -0.05
C ASP A 43 -18.04 21.82 -0.23
N TYR A 44 -18.00 20.57 0.23
CA TYR A 44 -16.79 19.75 0.13
C TYR A 44 -17.09 18.40 -0.51
N ILE A 45 -16.11 17.89 -1.24
CA ILE A 45 -16.21 16.58 -1.85
C ILE A 45 -15.01 15.73 -1.43
N LEU A 46 -15.30 14.58 -0.82
CA LEU A 46 -14.26 13.66 -0.36
C LEU A 46 -14.14 12.46 -1.31
N VAL A 47 -12.94 12.23 -1.81
CA VAL A 47 -12.69 11.12 -2.72
C VAL A 47 -11.68 10.14 -2.12
N THR A 48 -12.04 8.87 -2.03
CA THR A 48 -11.20 7.86 -1.40
C THR A 48 -10.19 7.25 -2.36
N ALA A 49 -10.59 7.04 -3.60
CA ALA A 49 -9.72 6.46 -4.62
C ALA A 49 -10.07 7.02 -5.98
N GLY A 50 -9.15 6.82 -6.93
CA GLY A 50 -9.33 7.36 -8.28
C GLY A 50 -10.36 6.63 -9.12
N HIS A 51 -10.76 5.45 -8.67
CA HIS A 51 -11.69 4.60 -9.40
C HIS A 51 -12.99 5.33 -9.71
N GLY A 52 -13.61 4.97 -10.83
CA GLY A 52 -14.83 5.63 -11.28
C GLY A 52 -15.98 5.52 -10.31
N ASP A 53 -16.09 4.37 -9.63
CA ASP A 53 -17.16 4.15 -8.65
C ASP A 53 -16.89 4.89 -7.34
N HIS A 54 -15.93 5.81 -7.36
CA HIS A 54 -15.59 6.65 -6.21
C HIS A 54 -15.33 8.10 -6.60
N LEU A 55 -14.41 8.29 -7.54
CA LEU A 55 -14.18 9.63 -8.10
C LEU A 55 -15.51 10.14 -8.65
N GLY A 56 -16.09 9.38 -9.57
CA GLY A 56 -17.41 9.66 -10.13
C GLY A 56 -17.59 11.08 -10.63
N ASP A 57 -18.73 11.66 -10.30
CA ASP A 57 -19.15 12.97 -10.80
C ASP A 57 -18.53 14.14 -10.05
N ALA A 58 -17.37 13.92 -9.43
CA ALA A 58 -16.74 14.92 -8.59
C ALA A 58 -16.40 16.17 -9.38
N VAL A 59 -15.94 15.99 -10.61
CA VAL A 59 -15.44 17.11 -11.41
C VAL A 59 -16.56 18.11 -11.66
N GLU A 60 -17.69 17.60 -12.11
CA GLU A 60 -18.85 18.43 -12.41
C GLU A 60 -19.42 19.05 -11.15
N ILE A 61 -19.70 18.21 -10.16
CA ILE A 61 -20.27 18.66 -8.89
C ILE A 61 -19.43 19.76 -8.28
N ALA A 62 -18.11 19.59 -8.32
CA ALA A 62 -17.18 20.55 -7.76
C ALA A 62 -17.34 21.89 -8.44
N LYS A 63 -17.42 21.86 -9.76
CA LYS A 63 -17.52 23.10 -10.54
C LYS A 63 -18.86 23.81 -10.40
N LYS A 64 -19.94 23.05 -10.36
CA LYS A 64 -21.28 23.62 -10.27
C LYS A 64 -21.52 24.25 -8.91
N ASN A 65 -20.86 23.75 -7.87
CA ASN A 65 -21.06 24.25 -6.50
C ASN A 65 -19.89 25.10 -6.00
N ASP A 66 -18.89 25.30 -6.84
CA ASP A 66 -17.64 25.94 -6.42
C ASP A 66 -17.07 25.19 -5.22
N ALA A 67 -17.28 23.89 -5.19
CA ALA A 67 -16.88 23.06 -4.06
C ALA A 67 -15.40 22.72 -4.14
N THR A 68 -14.85 22.33 -2.98
CA THR A 68 -13.46 21.94 -2.89
C THR A 68 -13.36 20.43 -2.64
N VAL A 69 -12.47 19.79 -3.39
CA VAL A 69 -12.31 18.34 -3.33
C VAL A 69 -11.13 17.97 -2.45
N ILE A 70 -11.38 17.10 -1.47
CA ILE A 70 -10.35 16.60 -0.57
C ILE A 70 -10.01 15.17 -0.96
N SER A 71 -8.74 14.95 -1.28
CA SER A 71 -8.27 13.60 -1.65
C SER A 71 -6.73 13.57 -1.54
N ASN A 72 -6.09 12.51 -2.02
CA ASN A 72 -4.64 12.46 -1.95
C ASN A 72 -4.01 13.30 -3.05
N TYR A 73 -2.73 13.65 -2.84
CA TYR A 73 -1.97 14.54 -3.71
C TYR A 73 -2.08 14.20 -5.21
N GLU A 74 -1.97 12.92 -5.54
CA GLU A 74 -2.03 12.46 -6.94
C GLU A 74 -3.40 12.66 -7.57
N ILE A 75 -4.45 12.45 -6.78
CA ILE A 75 -5.81 12.62 -7.28
C ILE A 75 -6.15 14.11 -7.42
N CYS A 76 -5.71 14.90 -6.45
CA CYS A 76 -5.90 16.35 -6.48
C CYS A 76 -5.14 16.99 -7.64
N HIS A 77 -3.96 16.48 -7.94
CA HIS A 77 -3.16 16.99 -9.04
C HIS A 77 -3.92 16.81 -10.36
N TYR A 78 -4.49 15.63 -10.53
CA TYR A 78 -5.33 15.33 -11.68
C TYR A 78 -6.51 16.30 -11.78
N LEU A 79 -7.27 16.40 -10.69
CA LEU A 79 -8.45 17.26 -10.64
C LEU A 79 -8.08 18.72 -10.89
N GLY A 80 -6.92 19.12 -10.37
CA GLY A 80 -6.46 20.50 -10.52
C GLY A 80 -6.30 20.89 -11.97
N LYS A 81 -5.80 19.97 -12.78
CA LYS A 81 -5.63 20.19 -14.20
C LYS A 81 -6.97 20.18 -14.94
N LYS A 82 -8.04 19.74 -14.28
CA LYS A 82 -9.38 19.89 -14.84
C LYS A 82 -10.00 21.22 -14.40
N GLY A 83 -9.20 22.08 -13.74
CA GLY A 83 -9.70 23.35 -13.20
C GLY A 83 -10.67 23.14 -12.05
N VAL A 84 -10.20 22.46 -11.00
CA VAL A 84 -11.04 22.09 -9.86
C VAL A 84 -10.34 22.42 -8.56
N LYS A 85 -11.08 23.08 -7.66
CA LYS A 85 -10.55 23.46 -6.36
C LYS A 85 -10.28 22.21 -5.52
N THR A 86 -9.08 22.11 -4.96
CA THR A 86 -8.71 20.95 -4.14
C THR A 86 -8.00 21.32 -2.83
N HIS A 87 -8.08 20.43 -1.86
CA HIS A 87 -7.22 20.44 -0.70
C HIS A 87 -6.51 19.10 -0.59
N ALA A 88 -5.22 19.08 -0.92
CA ALA A 88 -4.46 17.83 -0.93
C ALA A 88 -4.03 17.41 0.47
N MET A 89 -4.19 16.11 0.71
CA MET A 89 -3.70 15.44 1.89
C MET A 89 -3.04 14.16 1.41
N HIS A 90 -2.63 13.30 2.35
CA HIS A 90 -2.33 11.90 2.02
C HIS A 90 -2.57 10.98 3.22
N ILE A 91 -2.32 9.70 3.05
CA ILE A 91 -2.73 8.69 4.02
C ILE A 91 -2.17 8.97 5.41
N GLY A 92 -3.06 8.89 6.40
CA GLY A 92 -2.72 9.04 7.82
C GLY A 92 -2.56 10.49 8.22
N GLY A 93 -2.97 11.38 7.32
CA GLY A 93 -2.80 12.82 7.52
C GLY A 93 -4.14 13.45 7.81
N SER A 94 -4.17 14.34 8.80
CA SER A 94 -5.42 15.01 9.16
C SER A 94 -5.30 16.50 8.94
N TYR A 95 -6.45 17.16 8.86
CA TYR A 95 -6.52 18.61 8.77
C TYR A 95 -7.85 19.10 9.29
N LEU A 96 -7.83 20.27 9.92
CA LEU A 96 -9.03 20.86 10.51
C LEU A 96 -9.63 21.93 9.60
N PHE A 97 -10.79 21.62 9.04
CA PHE A 97 -11.51 22.56 8.18
C PHE A 97 -12.51 23.36 9.02
N ASP A 98 -13.20 24.30 8.39
CA ASP A 98 -14.24 25.07 9.06
C ASP A 98 -15.35 24.19 9.67
N PHE A 99 -15.66 23.07 9.04
CA PHE A 99 -16.75 22.19 9.46
C PHE A 99 -16.32 21.09 10.43
N GLY A 100 -15.05 20.73 10.36
CA GLY A 100 -14.51 19.70 11.24
C GLY A 100 -13.19 19.17 10.75
N ARG A 101 -12.79 18.05 11.31
CA ARG A 101 -11.52 17.42 10.96
C ARG A 101 -11.76 16.26 9.99
N VAL A 102 -10.84 16.11 9.04
CA VAL A 102 -10.85 15.00 8.10
C VAL A 102 -9.49 14.35 8.10
N LYS A 103 -9.46 13.03 8.27
CA LYS A 103 -8.21 12.27 8.24
C LYS A 103 -8.30 11.16 7.21
N MET A 104 -7.34 11.13 6.29
CA MET A 104 -7.25 10.00 5.37
C MET A 104 -6.74 8.79 6.12
N THR A 105 -7.47 7.69 6.03
CA THR A 105 -7.08 6.45 6.67
C THR A 105 -6.48 5.51 5.64
N PRO A 106 -5.64 4.56 6.09
CA PRO A 106 -5.15 3.53 5.20
C PRO A 106 -6.28 2.65 4.69
N ALA A 107 -6.10 2.12 3.48
CA ALA A 107 -7.03 1.16 2.89
C ALA A 107 -6.26 0.28 1.94
N VAL A 108 -6.78 -0.89 1.65
CA VAL A 108 -6.15 -1.79 0.67
C VAL A 108 -6.99 -1.76 -0.60
N HIS A 109 -6.41 -1.16 -1.63
CA HIS A 109 -7.00 -1.09 -2.96
C HIS A 109 -6.07 -0.42 -3.94
N GLY A 110 -6.43 -0.51 -5.21
CA GLY A 110 -6.02 0.43 -6.26
C GLY A 110 -6.73 1.77 -6.52
N SER A 111 -5.91 2.81 -6.59
CA SER A 111 -6.39 4.13 -6.87
C SER A 111 -5.98 4.55 -8.27
N GLY A 112 -6.39 3.79 -9.27
CA GLY A 112 -6.13 4.18 -10.66
C GLY A 112 -7.21 5.07 -11.24
N ILE A 113 -6.83 6.22 -11.79
CA ILE A 113 -7.79 7.14 -12.40
C ILE A 113 -7.93 6.81 -13.88
N LEU A 114 -9.14 6.49 -14.32
CA LEU A 114 -9.36 6.09 -15.71
C LEU A 114 -9.71 7.28 -16.59
N ASP A 115 -8.79 7.69 -17.45
CA ASP A 115 -8.97 8.85 -18.31
C ASP A 115 -8.98 8.42 -19.78
N GLY A 116 -10.16 8.45 -20.40
CA GLY A 116 -10.34 7.86 -21.72
C GLY A 116 -10.32 6.36 -21.61
N ASP A 117 -9.17 5.75 -21.92
CA ASP A 117 -8.95 4.34 -21.54
C ASP A 117 -7.48 4.14 -21.17
N SER A 118 -6.88 5.18 -20.62
CA SER A 118 -5.52 5.14 -20.11
C SER A 118 -5.56 5.23 -18.58
N MET A 119 -4.92 4.26 -17.92
CA MET A 119 -4.95 4.18 -16.46
C MET A 119 -3.86 5.06 -15.85
N ILE A 120 -4.30 6.18 -15.28
CA ILE A 120 -3.41 7.17 -14.67
C ILE A 120 -3.20 6.86 -13.19
N TYR A 121 -1.99 7.08 -12.70
CA TYR A 121 -1.68 6.90 -11.28
C TYR A 121 -2.46 7.91 -10.43
N GLY A 122 -3.20 7.39 -9.46
CA GLY A 122 -3.99 8.23 -8.56
C GLY A 122 -3.62 7.99 -7.11
N GLY A 123 -2.33 7.78 -6.85
CA GLY A 123 -1.84 7.61 -5.50
C GLY A 123 -2.27 6.30 -4.90
N ASN A 124 -2.52 6.31 -3.58
CA ASN A 124 -2.99 5.12 -2.87
C ASN A 124 -4.37 5.33 -2.30
N PRO A 125 -5.20 4.27 -2.32
CA PRO A 125 -6.58 4.35 -1.88
C PRO A 125 -6.66 4.62 -0.39
N SER A 126 -7.78 5.20 0.03
CA SER A 126 -7.93 5.65 1.40
C SER A 126 -9.33 5.45 1.92
N GLY A 127 -9.49 5.75 3.20
CA GLY A 127 -10.80 5.91 3.82
C GLY A 127 -10.82 7.27 4.47
N PHE A 128 -11.89 7.63 5.14
CA PHE A 128 -11.95 8.92 5.82
C PHE A 128 -12.47 8.80 7.26
N LEU A 129 -11.73 9.38 8.19
CA LEU A 129 -12.19 9.51 9.55
C LEU A 129 -12.56 10.97 9.74
N ILE A 130 -13.87 11.24 9.82
CA ILE A 130 -14.39 12.60 9.88
C ILE A 130 -14.91 12.91 11.27
N THR A 131 -14.35 13.95 11.90
CA THR A 131 -14.81 14.38 13.22
C THR A 131 -15.55 15.69 13.10
N ILE A 132 -16.87 15.65 13.30
CA ILE A 132 -17.73 16.83 13.19
C ILE A 132 -18.60 16.97 14.43
N GLU A 133 -18.43 18.08 15.15
CA GLU A 133 -19.16 18.36 16.40
C GLU A 133 -19.09 17.19 17.39
N GLY A 134 -17.88 16.68 17.61
CA GLY A 134 -17.67 15.59 18.53
C GLY A 134 -17.97 14.22 17.96
N LYS A 135 -18.84 14.15 16.97
CA LYS A 135 -19.22 12.88 16.36
C LYS A 135 -18.14 12.45 15.38
N LYS A 136 -18.01 11.13 15.19
CA LYS A 136 -17.00 10.58 14.31
C LYS A 136 -17.59 9.60 13.30
N ILE A 137 -17.40 9.89 12.01
CA ILE A 137 -17.86 9.01 10.94
C ILE A 137 -16.66 8.40 10.24
N TYR A 138 -16.65 7.07 10.13
CA TYR A 138 -15.59 6.39 9.38
C TYR A 138 -16.13 5.84 8.07
N HIS A 139 -15.60 6.37 6.98
CA HIS A 139 -15.89 5.84 5.65
C HIS A 139 -14.66 5.04 5.22
N ALA A 140 -14.82 3.74 5.07
CA ALA A 140 -13.68 2.84 4.87
C ALA A 140 -13.13 2.89 3.46
N GLY A 141 -13.95 3.35 2.53
CA GLY A 141 -13.64 3.29 1.10
C GLY A 141 -13.80 1.87 0.59
N ASP A 142 -13.30 1.62 -0.60
CA ASP A 142 -13.24 0.25 -1.06
C ASP A 142 -11.97 -0.34 -0.49
N THR A 143 -12.09 -1.43 0.26
CA THR A 143 -10.93 -2.00 0.94
C THR A 143 -11.16 -3.46 1.28
N GLY A 144 -10.08 -4.22 1.29
CA GLY A 144 -10.05 -5.49 2.00
C GLY A 144 -9.84 -5.30 3.49
N LEU A 145 -9.73 -6.40 4.21
CA LEU A 145 -9.44 -6.34 5.64
C LEU A 145 -7.98 -5.98 5.84
N THR A 146 -7.73 -5.01 6.71
CA THR A 146 -6.35 -4.66 7.04
C THR A 146 -6.20 -4.40 8.54
N ARG A 147 -5.01 -4.66 9.05
CA ARG A 147 -4.74 -4.49 10.46
C ARG A 147 -4.64 -3.02 10.87
N GLU A 148 -4.55 -2.14 9.88
CA GLU A 148 -4.49 -0.71 10.13
C GLU A 148 -5.82 -0.22 10.68
N MET A 149 -6.86 -1.05 10.52
CA MET A 149 -8.19 -0.71 11.02
C MET A 149 -8.26 -0.76 12.53
N GLU A 150 -7.36 -1.54 13.12
CA GLU A 150 -7.26 -1.66 14.57
C GLU A 150 -6.82 -0.35 15.22
N LEU A 151 -6.23 0.55 14.43
CA LEU A 151 -5.82 1.86 14.90
C LEU A 151 -7.01 2.74 15.23
N LEU A 152 -8.16 2.46 14.63
CA LEU A 152 -9.36 3.27 14.83
C LEU A 152 -10.16 2.88 16.09
N ALA A 153 -9.74 1.81 16.76
CA ALA A 153 -10.43 1.35 17.96
C ALA A 153 -10.48 2.41 19.06
N GLU A 154 -9.44 3.23 19.18
CA GLU A 154 -9.38 4.23 20.24
C GLU A 154 -10.06 5.55 19.87
N GLU A 155 -10.43 5.68 18.60
CA GLU A 155 -11.16 6.87 18.13
C GLU A 155 -12.61 6.80 18.62
N ASN A 156 -13.10 5.58 18.89
CA ASN A 156 -14.48 5.35 19.31
C ASN A 156 -15.46 5.91 18.28
N VAL A 157 -15.30 5.46 17.05
CA VAL A 157 -16.14 5.88 15.94
C VAL A 157 -17.61 5.61 16.27
N ASP A 158 -18.48 6.54 15.87
CA ASP A 158 -19.93 6.42 16.12
C ASP A 158 -20.61 5.65 14.99
N VAL A 159 -20.32 6.06 13.75
CA VAL A 159 -20.86 5.37 12.59
C VAL A 159 -19.73 5.05 11.61
N ALA A 160 -19.67 3.77 11.23
CA ALA A 160 -18.66 3.33 10.29
C ALA A 160 -19.33 2.67 9.09
N PHE A 161 -18.94 3.09 7.90
CA PHE A 161 -19.45 2.51 6.67
C PHE A 161 -18.44 1.49 6.15
N LEU A 162 -18.83 0.22 6.14
CA LEU A 162 -17.94 -0.84 5.67
C LEU A 162 -18.49 -1.55 4.41
N PRO A 163 -17.60 -1.92 3.49
CA PRO A 163 -17.97 -2.71 2.33
C PRO A 163 -18.20 -4.18 2.68
N ILE A 164 -19.16 -4.83 2.02
CA ILE A 164 -19.47 -6.23 2.30
C ILE A 164 -19.63 -7.11 1.06
N GLY A 165 -19.60 -6.49 -0.12
CA GLY A 165 -19.93 -7.19 -1.36
C GLY A 165 -18.93 -8.23 -1.86
N GLY A 166 -17.74 -8.25 -1.29
CA GLY A 166 -16.71 -9.21 -1.69
C GLY A 166 -16.14 -8.96 -3.08
N ASN A 167 -15.27 -9.87 -3.52
CA ASN A 167 -14.61 -9.82 -4.84
C ASN A 167 -13.64 -8.64 -5.03
N PHE A 168 -14.15 -7.41 -4.96
CA PHE A 168 -13.33 -6.20 -5.01
C PHE A 168 -13.05 -5.70 -3.61
N VAL A 169 -13.94 -6.02 -2.69
CA VAL A 169 -13.83 -5.55 -1.32
C VAL A 169 -13.99 -6.72 -0.34
N MET A 170 -14.05 -6.40 0.95
CA MET A 170 -14.29 -7.37 1.99
C MET A 170 -15.60 -8.06 1.73
N ASP A 171 -15.62 -9.38 1.91
CA ASP A 171 -16.88 -10.09 1.90
C ASP A 171 -17.53 -9.91 3.28
N VAL A 172 -18.71 -10.49 3.45
CA VAL A 172 -19.48 -10.34 4.69
C VAL A 172 -18.73 -10.84 5.92
N GLU A 173 -18.13 -12.02 5.80
CA GLU A 173 -17.36 -12.63 6.90
C GLU A 173 -16.20 -11.74 7.36
N ASP A 174 -15.46 -11.18 6.39
CA ASP A 174 -14.34 -10.29 6.66
C ASP A 174 -14.76 -8.94 7.22
N ALA A 175 -15.88 -8.43 6.71
CA ALA A 175 -16.41 -7.13 7.14
C ALA A 175 -16.82 -7.17 8.61
N VAL A 176 -17.22 -8.34 9.09
CA VAL A 176 -17.51 -8.54 10.49
C VAL A 176 -16.22 -8.45 11.30
N ARG A 177 -15.17 -9.10 10.81
CA ARG A 177 -13.86 -9.03 11.47
C ARG A 177 -13.45 -7.58 11.59
N ALA A 178 -13.64 -6.83 10.50
CA ALA A 178 -13.30 -5.41 10.43
C ALA A 178 -14.04 -4.61 11.48
N ALA A 179 -15.31 -4.95 11.70
CA ALA A 179 -16.11 -4.24 12.68
C ALA A 179 -15.64 -4.50 14.12
N VAL A 180 -15.12 -5.69 14.37
CA VAL A 180 -14.59 -6.02 15.69
C VAL A 180 -13.30 -5.26 15.94
N MET A 181 -12.52 -5.09 14.87
CA MET A 181 -11.29 -4.31 14.94
C MET A 181 -11.60 -2.86 15.33
N ILE A 182 -12.56 -2.28 14.62
CA ILE A 182 -12.89 -0.86 14.76
C ILE A 182 -13.80 -0.60 15.96
N LYS A 183 -14.66 -1.57 16.27
CA LYS A 183 -15.65 -1.45 17.34
C LYS A 183 -16.41 -0.14 17.26
N PRO A 184 -17.04 0.16 16.12
CA PRO A 184 -17.83 1.38 16.10
C PRO A 184 -19.12 1.17 16.87
N LYS A 185 -19.77 2.27 17.27
CA LYS A 185 -21.04 2.15 17.95
C LYS A 185 -22.08 1.59 16.99
N LYS A 186 -22.07 2.12 15.76
CA LYS A 186 -22.95 1.64 14.71
C LYS A 186 -22.19 1.37 13.43
N VAL A 187 -22.63 0.36 12.69
CA VAL A 187 -22.06 0.09 11.38
C VAL A 187 -23.13 0.16 10.29
N VAL A 188 -22.77 0.71 9.14
CA VAL A 188 -23.63 0.72 7.97
C VAL A 188 -22.91 -0.03 6.83
N PRO A 189 -23.58 -1.03 6.24
CA PRO A 189 -22.97 -1.80 5.16
C PRO A 189 -23.10 -1.10 3.81
N MET A 190 -22.03 -1.19 3.01
CA MET A 190 -21.98 -0.60 1.67
C MET A 190 -21.22 -1.47 0.69
N HIS A 191 -21.06 -0.98 -0.53
CA HIS A 191 -20.53 -1.75 -1.65
C HIS A 191 -21.22 -3.12 -1.75
N TYR A 192 -22.52 -3.11 -2.00
CA TYR A 192 -23.26 -4.33 -2.26
C TYR A 192 -24.57 -4.01 -2.98
N GLY A 193 -25.01 -4.94 -3.82
CA GLY A 193 -26.29 -4.80 -4.52
C GLY A 193 -26.23 -4.01 -5.81
N THR A 194 -25.17 -3.23 -5.97
CA THR A 194 -24.95 -2.42 -7.17
C THR A 194 -24.94 -3.26 -8.43
N TRP A 195 -24.17 -4.35 -8.40
CA TRP A 195 -24.09 -5.29 -9.52
C TRP A 195 -24.44 -6.67 -8.99
N GLU A 196 -24.31 -7.68 -9.82
CA GLU A 196 -24.56 -9.04 -9.37
C GLU A 196 -23.29 -9.66 -8.82
N LEU A 197 -22.14 -9.13 -9.23
CA LEU A 197 -20.83 -9.58 -8.74
C LEU A 197 -20.71 -9.35 -7.24
N ILE A 198 -21.35 -8.30 -6.74
CA ILE A 198 -21.24 -7.91 -5.34
C ILE A 198 -22.55 -8.00 -4.57
N PHE A 199 -23.43 -8.93 -4.97
CA PHE A 199 -24.59 -9.24 -4.15
C PHE A 199 -24.10 -9.85 -2.83
N ALA A 200 -24.79 -9.53 -1.74
CA ALA A 200 -24.34 -9.97 -0.42
C ALA A 200 -25.52 -10.22 0.49
N ASP A 201 -25.29 -11.08 1.48
CA ASP A 201 -26.34 -11.43 2.44
C ASP A 201 -26.34 -10.40 3.54
N VAL A 202 -26.87 -9.22 3.23
CA VAL A 202 -26.84 -8.09 4.15
C VAL A 202 -27.56 -8.37 5.48
N GLU A 203 -28.55 -9.26 5.44
CA GLU A 203 -29.26 -9.67 6.65
C GLU A 203 -28.35 -10.47 7.56
N LEU A 204 -27.57 -11.37 6.97
CA LEU A 204 -26.64 -12.20 7.73
C LEU A 204 -25.56 -11.33 8.38
N PHE A 205 -25.09 -10.32 7.64
CA PHE A 205 -24.09 -9.39 8.15
C PHE A 205 -24.59 -8.72 9.44
N LYS A 206 -25.77 -8.13 9.36
CA LYS A 206 -26.40 -7.49 10.52
C LYS A 206 -26.50 -8.44 11.71
N LYS A 207 -26.86 -9.70 11.44
CA LYS A 207 -27.02 -10.68 12.50
C LYS A 207 -25.70 -10.99 13.20
N LYS A 208 -24.67 -11.31 12.41
CA LYS A 208 -23.36 -11.69 12.94
C LYS A 208 -22.68 -10.53 13.65
N VAL A 209 -22.80 -9.33 13.07
CA VAL A 209 -22.09 -8.18 13.59
C VAL A 209 -22.73 -7.63 14.86
N GLU A 210 -24.00 -7.95 15.07
CA GLU A 210 -24.70 -7.53 16.29
C GLU A 210 -24.46 -8.54 17.41
N GLU A 211 -24.07 -9.76 17.06
CA GLU A 211 -23.57 -10.72 18.06
C GLU A 211 -22.32 -10.17 18.72
N LYS A 212 -21.58 -9.34 17.98
CA LYS A 212 -20.36 -8.73 18.49
C LYS A 212 -20.62 -7.34 19.07
N GLY A 213 -21.84 -7.09 19.51
CA GLY A 213 -22.18 -5.87 20.22
C GLY A 213 -22.11 -4.59 19.39
N VAL A 214 -22.18 -4.73 18.08
CA VAL A 214 -22.16 -3.58 17.18
C VAL A 214 -23.48 -3.47 16.45
N GLU A 215 -24.16 -2.35 16.65
CA GLU A 215 -25.45 -2.12 16.04
C GLU A 215 -25.31 -1.91 14.53
N CYS A 216 -26.13 -2.62 13.75
CA CYS A 216 -26.08 -2.49 12.30
C CYS A 216 -27.29 -1.78 11.76
N VAL A 217 -27.06 -0.65 11.10
CA VAL A 217 -28.14 0.14 10.51
C VAL A 217 -28.14 -0.04 8.99
N ILE A 218 -28.97 -0.94 8.49
CA ILE A 218 -29.03 -1.23 7.06
C ILE A 218 -29.77 -0.11 6.33
N LEU A 219 -29.03 0.83 5.77
CA LEU A 219 -29.65 1.93 5.03
C LEU A 219 -29.78 1.56 3.57
N GLU A 220 -31.00 1.59 3.07
CA GLU A 220 -31.26 1.46 1.65
C GLU A 220 -30.84 2.78 1.03
N PRO A 221 -30.43 2.76 -0.25
CA PRO A 221 -30.04 3.98 -0.95
C PRO A 221 -31.12 5.06 -0.90
N GLY A 222 -30.86 6.13 -0.16
CA GLY A 222 -31.84 7.19 0.06
C GLY A 222 -32.18 7.37 1.52
N GLU A 223 -32.13 6.28 2.29
CA GLU A 223 -32.35 6.35 3.74
C GLU A 223 -31.17 7.03 4.42
N SER A 224 -31.34 7.38 5.69
CA SER A 224 -30.33 8.16 6.42
C SER A 224 -30.44 7.98 7.91
N LEU A 225 -29.45 8.49 8.64
CA LEU A 225 -29.51 8.56 10.09
C LEU A 225 -28.90 9.88 10.53
N GLU A 226 -29.02 10.18 11.83
CA GLU A 226 -28.50 11.43 12.35
C GLU A 226 -27.50 11.23 13.49
N LEU A 227 -26.69 12.26 13.73
CA LEU A 227 -25.74 12.27 14.82
C LEU A 227 -25.88 13.54 15.64
N GLY B 1 -7.81 -35.00 -5.26
CA GLY B 1 -6.59 -34.29 -4.78
C GLY B 1 -6.10 -33.26 -5.77
N MET B 2 -4.83 -32.89 -5.67
CA MET B 2 -4.20 -31.90 -6.57
C MET B 2 -2.68 -31.94 -6.49
N LYS B 3 -2.06 -31.49 -7.58
CA LYS B 3 -0.61 -31.52 -7.72
C LYS B 3 -0.07 -30.11 -7.85
N VAL B 4 0.69 -29.67 -6.85
CA VAL B 4 1.24 -28.32 -6.81
C VAL B 4 2.71 -28.32 -7.20
N THR B 5 3.01 -27.82 -8.40
CA THR B 5 4.36 -27.85 -8.95
C THR B 5 5.01 -26.46 -8.93
N PHE B 6 6.27 -26.40 -8.48
CA PHE B 6 7.01 -25.13 -8.44
C PHE B 6 7.91 -25.06 -9.67
N LEU B 7 7.68 -24.08 -10.52
CA LEU B 7 8.39 -23.98 -11.80
C LEU B 7 9.40 -22.87 -11.82
N GLY B 8 10.00 -22.59 -10.67
CA GLY B 8 11.07 -21.58 -10.59
C GLY B 8 10.58 -20.16 -10.34
N HIS B 9 11.42 -19.38 -9.70
CA HIS B 9 11.06 -18.01 -9.36
C HIS B 9 9.78 -18.02 -8.54
N ALA B 10 8.74 -17.36 -9.01
CA ALA B 10 7.47 -17.32 -8.29
C ALA B 10 6.40 -18.13 -8.99
N VAL B 11 6.80 -18.89 -10.02
CA VAL B 11 5.84 -19.64 -10.81
C VAL B 11 5.38 -20.87 -10.04
N VAL B 12 4.06 -20.95 -9.78
CA VAL B 12 3.47 -22.11 -9.12
C VAL B 12 2.28 -22.65 -9.91
N LEU B 13 2.33 -23.93 -10.26
CA LEU B 13 1.28 -24.56 -11.06
C LEU B 13 0.44 -25.53 -10.23
N ILE B 14 -0.86 -25.26 -10.16
CA ILE B 14 -1.79 -26.12 -9.41
C ILE B 14 -2.60 -26.98 -10.38
N GLU B 15 -2.39 -28.28 -10.34
CA GLU B 15 -3.11 -29.22 -11.21
C GLU B 15 -4.15 -29.99 -10.40
N GLY B 16 -5.41 -29.68 -10.63
CA GLY B 16 -6.53 -30.37 -9.98
C GLY B 16 -7.65 -30.62 -10.96
N LYS B 17 -8.88 -30.52 -10.47
CA LYS B 17 -10.05 -30.67 -11.33
C LYS B 17 -10.05 -29.55 -12.39
N LYS B 18 -9.44 -28.42 -12.06
CA LYS B 18 -9.11 -27.38 -13.04
C LYS B 18 -7.63 -27.04 -12.90
N ASN B 19 -7.04 -26.46 -13.94
CA ASN B 19 -5.63 -26.12 -13.94
C ASN B 19 -5.37 -24.64 -13.77
N ILE B 20 -4.49 -24.30 -12.84
CA ILE B 20 -4.20 -22.91 -12.50
C ILE B 20 -2.69 -22.68 -12.42
N ILE B 21 -2.23 -21.58 -12.99
CA ILE B 21 -0.82 -21.20 -12.90
C ILE B 21 -0.71 -19.81 -12.29
N ILE B 22 0.19 -19.67 -11.31
CA ILE B 22 0.38 -18.40 -10.61
C ILE B 22 1.67 -17.74 -11.07
N ASP B 23 1.56 -16.49 -11.48
CA ASP B 23 2.69 -15.69 -11.94
C ASP B 23 3.51 -16.40 -13.00
N PRO B 24 2.91 -16.65 -14.18
CA PRO B 24 3.52 -17.45 -15.25
C PRO B 24 4.71 -16.77 -15.93
N PHE B 25 5.79 -16.66 -15.20
CA PHE B 25 7.04 -16.10 -15.72
C PHE B 25 7.84 -17.26 -16.30
N ILE B 26 7.57 -17.57 -17.57
CA ILE B 26 8.14 -18.76 -18.24
C ILE B 26 9.28 -18.39 -19.18
N SER B 27 8.95 -17.70 -20.27
CA SER B 27 9.94 -17.23 -21.24
C SER B 27 10.74 -16.13 -20.58
N GLY B 28 12.04 -16.31 -20.47
CA GLY B 28 12.90 -15.34 -19.81
C GLY B 28 13.27 -15.75 -18.41
N ASN B 29 12.66 -16.82 -17.91
CA ASN B 29 12.97 -17.34 -16.58
C ASN B 29 14.11 -18.35 -16.65
N PRO B 30 15.31 -17.94 -16.21
CA PRO B 30 16.50 -18.77 -16.35
C PRO B 30 16.49 -20.09 -15.56
N VAL B 31 15.61 -20.20 -14.57
CA VAL B 31 15.55 -21.40 -13.74
C VAL B 31 14.29 -22.22 -14.01
N CYS B 32 13.44 -21.73 -14.91
CA CYS B 32 12.20 -22.44 -15.25
C CYS B 32 12.52 -23.65 -16.09
N PRO B 33 12.10 -24.83 -15.63
CA PRO B 33 12.43 -26.09 -16.30
C PRO B 33 11.69 -26.32 -17.61
N VAL B 34 10.62 -25.57 -17.87
CA VAL B 34 9.81 -25.80 -19.06
C VAL B 34 9.75 -24.61 -20.00
N LYS B 35 9.40 -24.89 -21.25
CA LYS B 35 9.04 -23.87 -22.22
C LYS B 35 7.56 -23.61 -22.05
N LEU B 36 7.03 -22.63 -22.78
CA LEU B 36 5.59 -22.37 -22.74
C LEU B 36 4.81 -23.61 -23.17
N GLU B 37 5.40 -24.38 -24.09
CA GLU B 37 4.75 -25.56 -24.66
C GLU B 37 4.76 -26.74 -23.68
N GLY B 38 5.49 -26.59 -22.58
CA GLY B 38 5.55 -27.61 -21.55
C GLY B 38 4.32 -27.61 -20.64
N LEU B 39 3.68 -26.46 -20.52
CA LEU B 39 2.56 -26.31 -19.60
C LEU B 39 1.37 -27.11 -20.09
N PRO B 40 0.70 -27.84 -19.19
CA PRO B 40 -0.54 -28.51 -19.54
C PRO B 40 -1.60 -27.47 -19.88
N LYS B 41 -2.81 -27.93 -20.18
CA LYS B 41 -3.90 -27.02 -20.48
C LYS B 41 -4.20 -26.12 -19.27
N ILE B 42 -4.12 -24.81 -19.48
CA ILE B 42 -4.37 -23.82 -18.42
C ILE B 42 -5.82 -23.31 -18.44
N ASP B 43 -6.48 -23.32 -17.29
CA ASP B 43 -7.83 -22.80 -17.17
C ASP B 43 -7.85 -21.38 -16.60
N TYR B 44 -7.02 -21.13 -15.58
CA TYR B 44 -6.94 -19.82 -14.95
C TYR B 44 -5.51 -19.36 -14.76
N ILE B 45 -5.32 -18.05 -14.82
CA ILE B 45 -4.01 -17.45 -14.62
C ILE B 45 -4.09 -16.45 -13.49
N LEU B 46 -3.36 -16.70 -12.42
CA LEU B 46 -3.33 -15.80 -11.28
C LEU B 46 -2.09 -14.90 -11.34
N VAL B 47 -2.31 -13.59 -11.39
CA VAL B 47 -1.21 -12.62 -11.47
C VAL B 47 -1.23 -11.70 -10.24
N THR B 48 -0.12 -11.71 -9.49
CA THR B 48 -0.06 -10.97 -8.22
C THR B 48 0.32 -9.51 -8.39
N ALA B 49 1.23 -9.25 -9.30
CA ALA B 49 1.71 -7.89 -9.56
C ALA B 49 1.94 -7.71 -11.04
N GLY B 50 2.03 -6.45 -11.45
CA GLY B 50 2.16 -6.10 -12.87
C GLY B 50 3.57 -6.30 -13.41
N HIS B 51 4.52 -6.55 -12.51
CA HIS B 51 5.93 -6.75 -12.88
C HIS B 51 6.11 -7.89 -13.87
N GLY B 52 7.21 -7.81 -14.61
CA GLY B 52 7.53 -8.77 -15.64
C GLY B 52 7.75 -10.18 -15.11
N ASP B 53 8.32 -10.27 -13.90
CA ASP B 53 8.63 -11.58 -13.30
C ASP B 53 7.43 -12.17 -12.58
N HIS B 54 6.25 -11.63 -12.87
CA HIS B 54 4.98 -12.14 -12.33
C HIS B 54 3.90 -12.16 -13.39
N LEU B 55 3.69 -11.05 -14.06
CA LEU B 55 2.80 -11.03 -15.21
C LEU B 55 3.33 -12.04 -16.24
N GLY B 56 4.56 -11.82 -16.70
CA GLY B 56 5.23 -12.73 -17.61
C GLY B 56 4.42 -13.07 -18.84
N ASP B 57 4.44 -14.34 -19.23
CA ASP B 57 3.82 -14.80 -20.48
C ASP B 57 2.31 -15.01 -20.32
N ALA B 58 1.67 -14.16 -19.53
CA ALA B 58 0.26 -14.31 -19.21
C ALA B 58 -0.59 -14.15 -20.46
N VAL B 59 -0.30 -13.12 -21.24
CA VAL B 59 -1.15 -12.76 -22.39
C VAL B 59 -1.15 -13.88 -23.42
N GLU B 60 0.02 -14.41 -23.70
CA GLU B 60 0.15 -15.51 -24.65
C GLU B 60 -0.58 -16.75 -24.15
N ILE B 61 -0.23 -17.21 -22.96
CA ILE B 61 -0.85 -18.39 -22.34
C ILE B 61 -2.37 -18.26 -22.29
N ALA B 62 -2.86 -17.06 -21.95
CA ALA B 62 -4.29 -16.83 -21.83
C ALA B 62 -4.98 -17.11 -23.14
N LYS B 63 -4.42 -16.54 -24.21
CA LYS B 63 -5.01 -16.70 -25.54
C LYS B 63 -4.94 -18.12 -26.07
N LYS B 64 -3.80 -18.78 -25.89
CA LYS B 64 -3.62 -20.16 -26.36
C LYS B 64 -4.62 -21.12 -25.70
N ASN B 65 -5.00 -20.85 -24.45
CA ASN B 65 -5.84 -21.76 -23.67
C ASN B 65 -7.28 -21.30 -23.46
N ASP B 66 -7.61 -20.14 -24.02
CA ASP B 66 -8.87 -19.48 -23.73
C ASP B 66 -9.08 -19.39 -22.21
N ALA B 67 -7.99 -19.08 -21.51
CA ALA B 67 -7.98 -19.02 -20.06
C ALA B 67 -8.39 -17.63 -19.59
N THR B 68 -8.95 -17.59 -18.39
CA THR B 68 -9.31 -16.33 -17.77
C THR B 68 -8.25 -15.96 -16.73
N VAL B 69 -7.76 -14.73 -16.81
CA VAL B 69 -6.76 -14.24 -15.87
C VAL B 69 -7.42 -13.54 -14.70
N ILE B 70 -7.14 -14.02 -13.50
CA ILE B 70 -7.63 -13.40 -12.27
C ILE B 70 -6.53 -12.50 -11.68
N SER B 71 -6.83 -11.21 -11.57
CA SER B 71 -5.88 -10.24 -11.01
C SER B 71 -6.63 -9.01 -10.49
N ASN B 72 -5.92 -7.96 -10.08
CA ASN B 72 -6.60 -6.74 -9.64
C ASN B 72 -7.13 -5.96 -10.84
N TYR B 73 -8.01 -5.01 -10.54
CA TYR B 73 -8.73 -4.25 -11.55
C TYR B 73 -7.82 -3.59 -12.59
N GLU B 74 -6.74 -2.97 -12.14
CA GLU B 74 -5.85 -2.25 -13.05
C GLU B 74 -5.12 -3.18 -14.01
N ILE B 75 -4.69 -4.32 -13.49
CA ILE B 75 -3.99 -5.32 -14.30
C ILE B 75 -4.97 -5.94 -15.31
N CYS B 76 -6.17 -6.26 -14.85
CA CYS B 76 -7.22 -6.80 -15.71
C CYS B 76 -7.64 -5.82 -16.81
N HIS B 77 -7.62 -4.53 -16.48
CA HIS B 77 -7.92 -3.48 -17.46
C HIS B 77 -6.92 -3.51 -18.61
N TYR B 78 -5.64 -3.52 -18.26
CA TYR B 78 -4.56 -3.55 -19.23
C TYR B 78 -4.60 -4.83 -20.05
N LEU B 79 -4.96 -5.93 -19.40
CA LEU B 79 -5.07 -7.21 -20.08
C LEU B 79 -6.25 -7.23 -21.04
N GLY B 80 -7.34 -6.60 -20.62
CA GLY B 80 -8.54 -6.54 -21.45
C GLY B 80 -8.26 -5.90 -22.80
N LYS B 81 -7.51 -4.82 -22.79
CA LYS B 81 -7.20 -4.10 -24.03
C LYS B 81 -6.23 -4.90 -24.90
N LYS B 82 -5.60 -5.93 -24.34
CA LYS B 82 -4.79 -6.87 -25.12
C LYS B 82 -5.63 -8.07 -25.56
N GLY B 83 -6.95 -7.96 -25.39
CA GLY B 83 -7.87 -9.02 -25.79
C GLY B 83 -7.76 -10.28 -24.96
N VAL B 84 -7.83 -10.12 -23.64
CA VAL B 84 -7.65 -11.24 -22.71
C VAL B 84 -8.82 -11.35 -21.74
N LYS B 85 -9.37 -12.54 -21.60
CA LYS B 85 -10.44 -12.78 -20.66
C LYS B 85 -9.92 -12.58 -19.25
N THR B 86 -10.66 -11.81 -18.46
CA THR B 86 -10.26 -11.47 -17.10
C THR B 86 -11.41 -11.58 -16.11
N HIS B 87 -11.07 -11.90 -14.87
CA HIS B 87 -11.99 -11.74 -13.74
C HIS B 87 -11.33 -10.80 -12.72
N ALA B 88 -11.77 -9.55 -12.66
CA ALA B 88 -11.16 -8.57 -11.78
C ALA B 88 -11.57 -8.72 -10.33
N MET B 89 -10.60 -8.55 -9.46
CA MET B 89 -10.84 -8.50 -8.02
C MET B 89 -9.97 -7.38 -7.49
N HIS B 90 -9.88 -7.26 -6.16
CA HIS B 90 -8.84 -6.44 -5.58
C HIS B 90 -8.55 -6.85 -4.14
N ILE B 91 -7.47 -6.32 -3.59
CA ILE B 91 -6.90 -6.72 -2.31
C ILE B 91 -7.95 -7.01 -1.24
N GLY B 92 -7.83 -8.18 -0.64
CA GLY B 92 -8.68 -8.60 0.45
C GLY B 92 -10.06 -9.04 0.02
N GLY B 93 -10.27 -9.10 -1.29
CA GLY B 93 -11.54 -9.52 -1.87
C GLY B 93 -11.50 -10.96 -2.35
N SER B 94 -12.49 -11.75 -1.98
CA SER B 94 -12.55 -13.15 -2.38
C SER B 94 -13.74 -13.42 -3.28
N TYR B 95 -13.66 -14.54 -4.00
CA TYR B 95 -14.72 -14.98 -4.92
C TYR B 95 -14.67 -16.49 -5.08
N LEU B 96 -15.84 -17.07 -5.36
CA LEU B 96 -15.94 -18.52 -5.49
C LEU B 96 -16.03 -18.95 -6.96
N PHE B 97 -14.93 -19.51 -7.48
CA PHE B 97 -14.90 -20.04 -8.83
C PHE B 97 -15.26 -21.52 -8.80
N ASP B 98 -15.43 -22.11 -9.98
CA ASP B 98 -15.87 -23.51 -10.10
C ASP B 98 -14.91 -24.51 -9.47
N PHE B 99 -13.63 -24.17 -9.44
CA PHE B 99 -12.61 -25.04 -8.85
C PHE B 99 -12.44 -24.80 -7.34
N GLY B 100 -12.67 -23.56 -6.92
CA GLY B 100 -12.53 -23.18 -5.51
C GLY B 100 -12.52 -21.68 -5.30
N ARG B 101 -12.22 -21.26 -4.08
CA ARG B 101 -12.18 -19.84 -3.72
C ARG B 101 -10.78 -19.24 -3.91
N VAL B 102 -10.75 -18.04 -4.48
CA VAL B 102 -9.52 -17.27 -4.60
C VAL B 102 -9.70 -15.95 -3.87
N LYS B 103 -8.68 -15.57 -3.10
CA LYS B 103 -8.70 -14.31 -2.37
C LYS B 103 -7.37 -13.59 -2.54
N MET B 104 -7.42 -12.32 -2.94
CA MET B 104 -6.21 -11.52 -3.02
C MET B 104 -5.82 -11.06 -1.62
N THR B 105 -4.60 -11.41 -1.20
CA THR B 105 -4.09 -10.96 0.08
C THR B 105 -3.21 -9.72 -0.12
N PRO B 106 -3.08 -8.88 0.93
CA PRO B 106 -2.14 -7.77 0.85
C PRO B 106 -0.69 -8.22 0.64
N ALA B 107 0.11 -7.30 0.08
CA ALA B 107 1.54 -7.47 -0.09
C ALA B 107 2.21 -6.11 -0.22
N VAL B 108 3.45 -6.02 0.23
CA VAL B 108 4.17 -4.76 0.18
C VAL B 108 5.20 -4.84 -0.95
N HIS B 109 4.85 -4.19 -2.06
CA HIS B 109 5.60 -4.26 -3.31
C HIS B 109 5.02 -3.24 -4.30
N GLY B 110 5.60 -3.13 -5.48
CA GLY B 110 5.02 -2.31 -6.55
C GLY B 110 4.36 -3.16 -7.62
N SER B 111 3.47 -2.53 -8.37
CA SER B 111 2.72 -3.22 -9.42
C SER B 111 2.75 -2.45 -10.73
N GLY B 112 3.93 -2.06 -11.16
CA GLY B 112 4.10 -1.39 -12.44
C GLY B 112 4.08 -2.37 -13.61
N ILE B 113 3.37 -2.02 -14.68
CA ILE B 113 3.36 -2.82 -15.91
C ILE B 113 4.24 -2.16 -16.97
N LEU B 114 5.22 -2.90 -17.49
CA LEU B 114 6.19 -2.32 -18.41
C LEU B 114 5.80 -2.55 -19.87
N ASP B 115 4.95 -1.67 -20.40
CA ASP B 115 4.51 -1.72 -21.79
C ASP B 115 5.33 -0.74 -22.61
N GLY B 116 6.33 -1.27 -23.32
CA GLY B 116 7.32 -0.45 -23.99
C GLY B 116 8.42 -0.10 -23.01
N ASP B 117 8.83 1.16 -23.01
CA ASP B 117 9.72 1.66 -21.97
C ASP B 117 8.93 2.56 -21.02
N SER B 118 7.61 2.56 -21.17
CA SER B 118 6.73 3.31 -20.28
C SER B 118 6.27 2.43 -19.13
N MET B 119 6.16 3.03 -17.94
CA MET B 119 5.73 2.30 -16.75
C MET B 119 4.27 2.63 -16.46
N ILE B 120 3.42 1.63 -16.65
CA ILE B 120 1.99 1.79 -16.46
C ILE B 120 1.54 1.36 -15.06
N TYR B 121 0.54 2.06 -14.54
CA TYR B 121 -0.08 1.68 -13.26
C TYR B 121 -0.79 0.34 -13.37
N GLY B 122 -0.43 -0.57 -12.47
CA GLY B 122 -1.06 -1.88 -12.40
C GLY B 122 -1.66 -2.14 -11.04
N GLY B 123 -2.18 -1.09 -10.42
CA GLY B 123 -2.82 -1.21 -9.11
C GLY B 123 -1.82 -1.45 -8.00
N ASN B 124 -2.24 -2.22 -7.00
CA ASN B 124 -1.38 -2.57 -5.88
C ASN B 124 -1.09 -4.06 -5.83
N PRO B 125 0.17 -4.41 -5.49
CA PRO B 125 0.63 -5.81 -5.48
C PRO B 125 -0.15 -6.65 -4.46
N SER B 126 -0.19 -7.96 -4.69
CA SER B 126 -0.95 -8.84 -3.82
C SER B 126 -0.31 -10.21 -3.68
N GLY B 127 -0.99 -11.06 -2.93
CA GLY B 127 -0.74 -12.50 -2.91
C GLY B 127 -2.06 -13.18 -3.15
N PHE B 128 -2.07 -14.51 -3.13
CA PHE B 128 -3.32 -15.25 -3.30
C PHE B 128 -3.51 -16.31 -2.22
N LEU B 129 -4.69 -16.32 -1.63
CA LEU B 129 -5.08 -17.39 -0.70
C LEU B 129 -6.14 -18.25 -1.38
N ILE B 130 -5.73 -19.42 -1.83
CA ILE B 130 -6.57 -20.27 -2.65
C ILE B 130 -7.09 -21.46 -1.85
N THR B 131 -8.42 -21.59 -1.80
CA THR B 131 -9.04 -22.71 -1.10
C THR B 131 -9.64 -23.70 -2.09
N ILE B 132 -8.98 -24.85 -2.26
CA ILE B 132 -9.44 -25.91 -3.16
C ILE B 132 -9.63 -27.20 -2.39
N GLU B 133 -10.85 -27.72 -2.38
CA GLU B 133 -11.19 -28.99 -1.71
C GLU B 133 -10.72 -29.01 -0.26
N GLY B 134 -10.97 -27.92 0.45
CA GLY B 134 -10.64 -27.81 1.87
C GLY B 134 -9.17 -27.63 2.19
N LYS B 135 -8.34 -27.54 1.17
CA LYS B 135 -6.93 -27.25 1.36
C LYS B 135 -6.70 -25.79 1.00
N LYS B 136 -5.78 -25.15 1.71
CA LYS B 136 -5.49 -23.75 1.48
C LYS B 136 -4.04 -23.57 1.06
N ILE B 137 -3.87 -22.89 -0.07
CA ILE B 137 -2.55 -22.51 -0.56
C ILE B 137 -2.37 -21.01 -0.44
N TYR B 138 -1.31 -20.58 0.22
CA TYR B 138 -0.97 -19.17 0.29
C TYR B 138 0.23 -18.91 -0.61
N HIS B 139 0.03 -18.05 -1.59
CA HIS B 139 1.10 -17.59 -2.46
C HIS B 139 1.32 -16.11 -2.19
N ALA B 140 2.42 -15.77 -1.53
CA ALA B 140 2.67 -14.40 -1.03
C ALA B 140 2.94 -13.37 -2.14
N GLY B 141 3.38 -13.83 -3.30
CA GLY B 141 3.84 -12.94 -4.34
C GLY B 141 5.18 -12.32 -3.94
N ASP B 142 5.51 -11.19 -4.55
CA ASP B 142 6.72 -10.46 -4.14
C ASP B 142 6.36 -9.45 -3.09
N THR B 143 7.05 -9.56 -1.95
CA THR B 143 6.66 -8.80 -0.78
C THR B 143 7.72 -8.83 0.30
N GLY B 144 7.84 -7.72 1.00
CA GLY B 144 8.56 -7.70 2.26
C GLY B 144 7.70 -8.21 3.40
N LEU B 145 8.26 -8.20 4.60
CA LEU B 145 7.51 -8.62 5.78
C LEU B 145 6.43 -7.60 6.09
N THR B 146 5.20 -8.06 6.19
CA THR B 146 4.08 -7.19 6.57
C THR B 146 3.23 -7.81 7.68
N ARG B 147 2.61 -6.94 8.47
CA ARG B 147 1.77 -7.37 9.58
C ARG B 147 0.45 -7.96 9.10
N GLU B 148 0.12 -7.72 7.83
CA GLU B 148 -1.11 -8.23 7.28
C GLU B 148 -1.06 -9.76 7.22
N MET B 149 0.15 -10.29 7.28
CA MET B 149 0.35 -11.73 7.19
C MET B 149 -0.24 -12.46 8.38
N GLU B 150 -0.36 -11.77 9.50
CA GLU B 150 -0.93 -12.36 10.72
C GLU B 150 -2.43 -12.62 10.58
N LEU B 151 -3.07 -11.92 9.64
CA LEU B 151 -4.48 -12.16 9.33
C LEU B 151 -4.70 -13.57 8.79
N LEU B 152 -3.63 -14.18 8.30
CA LEU B 152 -3.67 -15.52 7.69
C LEU B 152 -3.50 -16.64 8.70
N ALA B 153 -3.09 -16.29 9.92
CA ALA B 153 -2.78 -17.27 10.94
C ALA B 153 -3.93 -18.24 11.14
N GLU B 154 -5.13 -17.69 11.29
CA GLU B 154 -6.31 -18.48 11.64
C GLU B 154 -6.90 -19.24 10.47
N GLU B 155 -6.34 -19.04 9.28
CA GLU B 155 -6.76 -19.80 8.11
C GLU B 155 -6.27 -21.24 8.16
N ASN B 156 -5.20 -21.46 8.92
CA ASN B 156 -4.49 -22.74 8.97
C ASN B 156 -4.15 -23.21 7.56
N VAL B 157 -3.35 -22.39 6.91
CA VAL B 157 -2.86 -22.66 5.56
C VAL B 157 -2.11 -24.00 5.51
N ASP B 158 -2.33 -24.76 4.44
CA ASP B 158 -1.64 -26.03 4.25
C ASP B 158 -0.22 -25.85 3.69
N VAL B 159 -0.07 -25.02 2.67
CA VAL B 159 1.24 -24.73 2.08
C VAL B 159 1.38 -23.23 1.83
N ALA B 160 2.49 -22.66 2.25
CA ALA B 160 2.72 -21.24 2.06
C ALA B 160 3.98 -21.00 1.24
N PHE B 161 3.84 -20.26 0.15
CA PHE B 161 4.97 -19.91 -0.70
C PHE B 161 5.48 -18.53 -0.32
N LEU B 162 6.67 -18.49 0.29
CA LEU B 162 7.24 -17.22 0.72
C LEU B 162 8.58 -16.94 0.02
N PRO B 163 8.81 -15.67 -0.38
CA PRO B 163 10.07 -15.26 -0.97
C PRO B 163 11.20 -15.16 0.07
N ILE B 164 12.42 -15.54 -0.33
CA ILE B 164 13.59 -15.44 0.56
C ILE B 164 14.80 -14.76 -0.07
N GLY B 165 14.64 -14.28 -1.30
CA GLY B 165 15.78 -13.77 -2.07
C GLY B 165 16.42 -12.50 -1.56
N GLY B 166 15.65 -11.70 -0.84
CA GLY B 166 16.12 -10.40 -0.36
C GLY B 166 16.13 -9.34 -1.45
N ASN B 167 16.58 -8.13 -1.10
CA ASN B 167 16.75 -7.07 -2.08
C ASN B 167 15.44 -6.50 -2.63
N PHE B 168 14.63 -7.35 -3.24
CA PHE B 168 13.33 -6.94 -3.78
C PHE B 168 12.24 -7.49 -2.88
N VAL B 169 12.59 -8.54 -2.14
CA VAL B 169 11.66 -9.27 -1.30
C VAL B 169 12.28 -9.53 0.05
N MET B 170 11.59 -10.31 0.88
CA MET B 170 12.11 -10.71 2.19
C MET B 170 13.42 -11.46 2.03
N ASP B 171 14.37 -11.16 2.90
CA ASP B 171 15.57 -11.98 3.00
C ASP B 171 15.21 -13.26 3.77
N VAL B 172 16.20 -14.10 4.03
CA VAL B 172 15.97 -15.36 4.75
C VAL B 172 15.44 -15.11 6.15
N GLU B 173 16.00 -14.09 6.80
CA GLU B 173 15.67 -13.79 8.19
C GLU B 173 14.21 -13.35 8.35
N ASP B 174 13.78 -12.41 7.51
CA ASP B 174 12.40 -11.89 7.54
C ASP B 174 11.36 -12.90 7.08
N ALA B 175 11.75 -13.76 6.14
CA ALA B 175 10.85 -14.78 5.63
C ALA B 175 10.56 -15.83 6.69
N VAL B 176 11.49 -16.00 7.63
CA VAL B 176 11.23 -16.87 8.78
C VAL B 176 10.18 -16.24 9.67
N ARG B 177 10.30 -14.93 9.87
CA ARG B 177 9.34 -14.20 10.68
C ARG B 177 7.94 -14.33 10.08
N ALA B 178 7.86 -14.16 8.77
CA ALA B 178 6.60 -14.29 8.05
C ALA B 178 6.01 -15.69 8.23
N ALA B 179 6.86 -16.70 8.23
CA ALA B 179 6.41 -18.08 8.38
C ALA B 179 5.77 -18.31 9.74
N VAL B 180 6.35 -17.73 10.79
CA VAL B 180 5.83 -17.86 12.15
C VAL B 180 4.52 -17.10 12.32
N MET B 181 4.42 -15.93 11.69
CA MET B 181 3.18 -15.15 11.71
C MET B 181 2.02 -15.92 11.13
N ILE B 182 2.29 -16.65 10.05
CA ILE B 182 1.26 -17.35 9.32
C ILE B 182 1.03 -18.74 9.89
N LYS B 183 2.10 -19.32 10.44
CA LYS B 183 2.11 -20.70 10.95
C LYS B 183 1.34 -21.65 10.03
N PRO B 184 1.87 -21.88 8.83
CA PRO B 184 1.22 -22.83 7.95
C PRO B 184 1.64 -24.25 8.30
N LYS B 185 1.00 -25.22 7.67
CA LYS B 185 1.37 -26.60 7.89
C LYS B 185 2.75 -26.86 7.28
N LYS B 186 2.99 -26.27 6.11
CA LYS B 186 4.30 -26.34 5.45
C LYS B 186 4.60 -25.01 4.76
N VAL B 187 5.88 -24.73 4.60
CA VAL B 187 6.32 -23.54 3.89
C VAL B 187 7.25 -23.95 2.74
N VAL B 188 7.06 -23.34 1.57
CA VAL B 188 7.95 -23.53 0.44
C VAL B 188 8.58 -22.19 0.09
N PRO B 189 9.92 -22.12 0.04
CA PRO B 189 10.61 -20.89 -0.34
C PRO B 189 10.62 -20.67 -1.85
N MET B 190 10.40 -19.43 -2.26
CA MET B 190 10.48 -19.04 -3.66
C MET B 190 11.26 -17.73 -3.81
N HIS B 191 11.29 -17.19 -5.02
CA HIS B 191 12.06 -15.97 -5.34
C HIS B 191 13.50 -16.02 -4.83
N TYR B 192 14.26 -17.03 -5.24
CA TYR B 192 15.69 -17.11 -4.90
C TYR B 192 16.43 -17.84 -6.02
N GLY B 193 17.67 -17.42 -6.25
CA GLY B 193 18.57 -18.10 -7.21
C GLY B 193 18.34 -17.78 -8.67
N THR B 194 17.30 -17.01 -8.98
CA THR B 194 17.00 -16.62 -10.37
C THR B 194 18.10 -15.72 -10.94
N TRP B 195 18.65 -14.84 -10.10
CA TRP B 195 19.77 -13.98 -10.46
C TRP B 195 20.78 -14.10 -9.33
N GLU B 196 21.94 -13.46 -9.47
CA GLU B 196 22.91 -13.46 -8.37
C GLU B 196 22.60 -12.39 -7.36
N LEU B 197 21.72 -11.47 -7.76
CA LEU B 197 21.19 -10.48 -6.83
C LEU B 197 20.35 -11.13 -5.73
N ILE B 198 19.80 -12.30 -6.03
CA ILE B 198 18.93 -13.00 -5.08
C ILE B 198 19.37 -14.44 -4.78
N PHE B 199 20.64 -14.76 -5.03
CA PHE B 199 21.20 -16.05 -4.59
C PHE B 199 21.16 -16.09 -3.06
N ALA B 200 20.15 -16.77 -2.51
CA ALA B 200 19.92 -16.79 -1.06
C ALA B 200 20.22 -18.16 -0.47
N ASP B 201 20.40 -18.20 0.85
CA ASP B 201 20.77 -19.45 1.51
C ASP B 201 19.52 -20.25 1.84
N VAL B 202 19.02 -20.97 0.84
CA VAL B 202 17.79 -21.74 1.00
C VAL B 202 17.92 -22.82 2.05
N GLU B 203 19.11 -23.39 2.19
CA GLU B 203 19.36 -24.44 3.18
C GLU B 203 19.28 -23.89 4.59
N LEU B 204 19.78 -22.67 4.77
CA LEU B 204 19.75 -22.03 6.07
C LEU B 204 18.33 -21.64 6.46
N PHE B 205 17.54 -21.18 5.49
CA PHE B 205 16.14 -20.85 5.71
C PHE B 205 15.38 -22.06 6.26
N LYS B 206 15.60 -23.22 5.64
CA LYS B 206 14.96 -24.46 6.07
C LYS B 206 15.31 -24.75 7.52
N LYS B 207 16.61 -24.65 7.85
CA LYS B 207 17.07 -24.94 9.19
C LYS B 207 16.43 -24.00 10.20
N LYS B 208 16.46 -22.72 9.89
CA LYS B 208 15.94 -21.68 10.78
C LYS B 208 14.43 -21.75 10.95
N VAL B 209 13.71 -21.94 9.85
CA VAL B 209 12.25 -21.97 9.89
C VAL B 209 11.72 -23.23 10.59
N GLU B 210 12.48 -24.32 10.54
CA GLU B 210 12.08 -25.56 11.19
C GLU B 210 12.45 -25.55 12.66
N GLU B 211 13.38 -24.69 13.06
CA GLU B 211 13.66 -24.48 14.48
C GLU B 211 12.47 -23.80 15.14
N LYS B 212 11.64 -23.14 14.35
CA LYS B 212 10.43 -22.47 14.87
C LYS B 212 9.21 -23.38 14.80
N GLY B 213 9.40 -24.60 14.30
CA GLY B 213 8.34 -25.61 14.25
C GLY B 213 7.47 -25.50 13.03
N VAL B 214 8.07 -25.09 11.92
CA VAL B 214 7.34 -24.98 10.65
C VAL B 214 8.09 -25.79 9.60
N GLU B 215 7.55 -26.96 9.27
CA GLU B 215 8.16 -27.84 8.29
C GLU B 215 8.41 -27.11 6.99
N CYS B 216 9.64 -27.21 6.49
CA CYS B 216 10.01 -26.63 5.20
C CYS B 216 10.17 -27.71 4.15
N VAL B 217 9.66 -27.41 2.96
CA VAL B 217 9.82 -28.30 1.82
C VAL B 217 10.52 -27.51 0.71
N ILE B 218 11.80 -27.76 0.53
CA ILE B 218 12.54 -27.08 -0.51
C ILE B 218 12.21 -27.76 -1.84
N LEU B 219 11.64 -27.01 -2.76
CA LEU B 219 11.28 -27.55 -4.06
C LEU B 219 12.17 -26.95 -5.12
N GLU B 220 12.93 -27.81 -5.78
CA GLU B 220 13.70 -27.44 -6.96
C GLU B 220 12.69 -27.12 -8.06
N PRO B 221 13.00 -26.14 -8.90
CA PRO B 221 12.14 -25.81 -10.04
C PRO B 221 11.81 -27.05 -10.88
N GLY B 222 10.56 -27.48 -10.81
CA GLY B 222 10.11 -28.68 -11.50
C GLY B 222 9.50 -29.68 -10.53
N GLU B 223 9.97 -29.66 -9.28
CA GLU B 223 9.45 -30.55 -8.26
C GLU B 223 8.06 -30.13 -7.79
N SER B 224 7.38 -31.04 -7.11
CA SER B 224 5.99 -30.80 -6.71
C SER B 224 5.63 -31.49 -5.39
N LEU B 225 4.40 -31.25 -4.94
CA LEU B 225 3.86 -31.89 -3.75
C LEU B 225 2.35 -31.97 -3.88
N GLU B 226 1.75 -32.83 -3.07
CA GLU B 226 0.34 -33.16 -3.24
C GLU B 226 -0.49 -32.74 -2.03
N LEU B 227 -1.78 -32.50 -2.28
CA LEU B 227 -2.73 -32.13 -1.23
C LEU B 227 -3.95 -33.01 -1.31
N GLY C 1 32.74 6.23 13.96
CA GLY C 1 31.50 7.02 14.18
C GLY C 1 30.96 7.61 12.89
N MET C 2 29.91 8.43 13.00
CA MET C 2 29.33 9.09 11.83
C MET C 2 28.53 10.33 12.20
N LYS C 3 28.44 11.27 11.27
CA LYS C 3 27.77 12.55 11.50
C LYS C 3 26.47 12.64 10.71
N VAL C 4 25.34 12.64 11.43
CA VAL C 4 24.03 12.60 10.81
C VAL C 4 23.38 13.98 10.86
N THR C 5 23.30 14.63 9.70
CA THR C 5 22.82 16.01 9.62
C THR C 5 21.45 16.13 8.96
N PHE C 6 20.52 16.76 9.67
CA PHE C 6 19.20 17.07 9.12
C PHE C 6 19.26 18.41 8.39
N LEU C 7 18.77 18.45 7.16
CA LEU C 7 18.86 19.66 6.35
C LEU C 7 17.48 20.18 5.92
N GLY C 8 16.49 20.08 6.80
CA GLY C 8 15.14 20.56 6.50
C GLY C 8 14.28 19.58 5.75
N HIS C 9 12.98 19.63 6.02
CA HIS C 9 12.02 18.74 5.40
C HIS C 9 12.41 17.31 5.70
N ALA C 10 12.66 16.51 4.68
CA ALA C 10 13.01 15.10 4.85
C ALA C 10 14.47 14.81 4.52
N VAL C 11 15.26 15.86 4.31
CA VAL C 11 16.65 15.70 3.90
C VAL C 11 17.51 15.32 5.08
N VAL C 12 18.10 14.13 5.02
CA VAL C 12 19.04 13.69 6.04
C VAL C 12 20.33 13.25 5.36
N LEU C 13 21.45 13.77 5.84
CA LEU C 13 22.77 13.42 5.31
C LEU C 13 23.55 12.62 6.33
N ILE C 14 24.12 11.52 5.87
CA ILE C 14 24.95 10.66 6.71
C ILE C 14 26.39 10.68 6.19
N GLU C 15 27.30 11.17 7.02
CA GLU C 15 28.73 11.23 6.69
C GLU C 15 29.49 10.21 7.54
N GLY C 16 30.15 9.28 6.85
CA GLY C 16 30.92 8.23 7.50
C GLY C 16 31.98 7.74 6.53
N LYS C 17 32.28 6.45 6.57
CA LYS C 17 33.22 5.86 5.62
C LYS C 17 32.73 6.05 4.19
N LYS C 18 31.43 6.22 4.03
CA LYS C 18 30.86 6.68 2.78
C LYS C 18 29.91 7.84 3.08
N ASN C 19 29.45 8.51 2.03
CA ASN C 19 28.52 9.63 2.18
C ASN C 19 27.18 9.35 1.53
N ILE C 20 26.14 9.30 2.35
CA ILE C 20 24.80 8.94 1.88
C ILE C 20 23.80 10.02 2.24
N ILE C 21 22.99 10.43 1.28
CA ILE C 21 21.96 11.42 1.54
C ILE C 21 20.57 10.83 1.25
N ILE C 22 19.61 11.11 2.12
CA ILE C 22 18.26 10.57 2.00
C ILE C 22 17.28 11.66 1.60
N ASP C 23 16.58 11.43 0.50
CA ASP C 23 15.58 12.39 -0.01
C ASP C 23 16.17 13.78 -0.20
N PRO C 24 17.03 13.95 -1.22
CA PRO C 24 17.80 15.17 -1.44
C PRO C 24 16.96 16.29 -2.05
N PHE C 25 16.04 16.80 -1.26
CA PHE C 25 15.19 17.91 -1.65
C PHE C 25 15.90 19.20 -1.23
N ILE C 26 16.76 19.70 -2.12
CA ILE C 26 17.67 20.83 -1.78
C ILE C 26 17.24 22.11 -2.48
N SER C 27 17.18 22.06 -3.81
CA SER C 27 16.64 23.18 -4.59
C SER C 27 15.14 23.31 -4.30
N GLY C 28 14.71 24.52 -4.00
CA GLY C 28 13.31 24.79 -3.74
C GLY C 28 12.85 24.29 -2.38
N ASN C 29 13.79 23.99 -1.50
CA ASN C 29 13.48 23.67 -0.12
C ASN C 29 13.76 24.89 0.75
N PRO C 30 12.73 25.69 1.05
CA PRO C 30 12.88 26.96 1.75
C PRO C 30 13.53 26.85 3.14
N VAL C 31 13.43 25.69 3.78
CA VAL C 31 14.07 25.50 5.10
C VAL C 31 15.44 24.83 5.02
N CYS C 32 15.81 24.33 3.85
CA CYS C 32 17.15 23.79 3.65
C CYS C 32 18.14 24.95 3.62
N PRO C 33 19.16 24.90 4.48
CA PRO C 33 20.12 25.99 4.58
C PRO C 33 21.18 26.00 3.49
N VAL C 34 21.36 24.90 2.77
CA VAL C 34 22.48 24.81 1.82
C VAL C 34 22.03 24.76 0.36
N LYS C 35 22.91 25.18 -0.54
CA LYS C 35 22.74 24.97 -1.98
C LYS C 35 23.24 23.57 -2.28
N LEU C 36 23.13 23.14 -3.54
CA LEU C 36 23.65 21.84 -3.95
C LEU C 36 25.16 21.78 -3.74
N GLU C 37 25.81 22.93 -3.87
CA GLU C 37 27.27 23.04 -3.75
C GLU C 37 27.71 22.88 -2.31
N GLY C 38 26.80 23.10 -1.38
CA GLY C 38 27.10 22.94 0.04
C GLY C 38 27.22 21.50 0.48
N LEU C 39 26.90 20.57 -0.40
CA LEU C 39 27.00 19.16 -0.09
C LEU C 39 28.39 18.63 -0.37
N PRO C 40 28.91 17.75 0.52
CA PRO C 40 30.14 17.03 0.23
C PRO C 40 29.97 16.04 -0.93
N LYS C 41 31.00 15.26 -1.20
CA LYS C 41 30.90 14.22 -2.22
C LYS C 41 29.82 13.23 -1.79
N ILE C 42 28.98 12.83 -2.74
CA ILE C 42 27.93 11.89 -2.47
C ILE C 42 28.26 10.54 -3.09
N ASP C 43 28.27 9.50 -2.27
CA ASP C 43 28.49 8.14 -2.75
C ASP C 43 27.15 7.44 -3.02
N TYR C 44 26.14 7.73 -2.21
CA TYR C 44 24.83 7.11 -2.36
C TYR C 44 23.67 8.08 -2.12
N ILE C 45 22.56 7.82 -2.81
CA ILE C 45 21.35 8.62 -2.68
C ILE C 45 20.15 7.73 -2.38
N LEU C 46 19.46 8.01 -1.29
CA LEU C 46 18.31 7.23 -0.88
C LEU C 46 17.01 8.01 -1.11
N VAL C 47 16.17 7.50 -2.02
CA VAL C 47 14.89 8.13 -2.34
C VAL C 47 13.74 7.26 -1.84
N THR C 48 12.92 7.81 -0.95
CA THR C 48 11.79 7.10 -0.35
C THR C 48 10.58 7.02 -1.27
N ALA C 49 10.27 8.12 -1.95
CA ALA C 49 9.11 8.18 -2.82
C ALA C 49 9.39 9.08 -4.00
N GLY C 50 8.55 8.95 -5.02
CA GLY C 50 8.74 9.68 -6.28
C GLY C 50 8.39 11.15 -6.21
N HIS C 51 7.75 11.56 -5.12
CA HIS C 51 7.31 12.94 -4.96
C HIS C 51 8.49 13.91 -5.04
N GLY C 52 8.24 15.09 -5.59
CA GLY C 52 9.28 16.10 -5.75
C GLY C 52 10.02 16.48 -4.47
N ASP C 53 9.30 16.50 -3.36
CA ASP C 53 9.88 16.90 -2.09
C ASP C 53 10.71 15.78 -1.47
N HIS C 54 10.86 14.68 -2.20
CA HIS C 54 11.68 13.54 -1.78
C HIS C 54 12.65 13.11 -2.84
N LEU C 55 12.19 12.96 -4.07
CA LEU C 55 13.08 12.68 -5.18
C LEU C 55 14.11 13.81 -5.28
N GLY C 56 13.61 15.03 -5.17
CA GLY C 56 14.46 16.21 -5.10
C GLY C 56 15.43 16.31 -6.26
N ASP C 57 16.67 16.71 -5.97
CA ASP C 57 17.69 16.93 -7.00
C ASP C 57 18.51 15.66 -7.27
N ALA C 58 17.95 14.50 -6.97
CA ALA C 58 18.65 13.22 -7.05
C ALA C 58 19.31 12.99 -8.41
N VAL C 59 18.64 13.39 -9.48
CA VAL C 59 19.20 13.20 -10.83
C VAL C 59 20.48 14.01 -11.00
N GLU C 60 20.40 15.31 -10.72
CA GLU C 60 21.56 16.20 -10.84
C GLU C 60 22.67 15.83 -9.87
N ILE C 61 22.31 15.56 -8.62
CA ILE C 61 23.26 15.21 -7.58
C ILE C 61 23.99 13.91 -7.92
N ALA C 62 23.25 12.96 -8.48
CA ALA C 62 23.82 11.66 -8.81
C ALA C 62 24.85 11.80 -9.93
N LYS C 63 24.47 12.52 -10.97
CA LYS C 63 25.33 12.70 -12.12
C LYS C 63 26.66 13.38 -11.77
N LYS C 64 26.60 14.42 -10.95
CA LYS C 64 27.81 15.14 -10.51
C LYS C 64 28.73 14.23 -9.72
N ASN C 65 28.20 13.52 -8.74
CA ASN C 65 29.04 12.75 -7.81
C ASN C 65 29.31 11.32 -8.30
N ASP C 66 28.75 10.97 -9.46
CA ASP C 66 28.77 9.59 -9.95
C ASP C 66 28.24 8.64 -8.89
N ALA C 67 27.16 9.05 -8.23
CA ALA C 67 26.61 8.28 -7.13
C ALA C 67 25.54 7.36 -7.65
N THR C 68 25.22 6.37 -6.83
CA THR C 68 24.15 5.43 -7.14
C THR C 68 22.92 5.74 -6.27
N VAL C 69 21.76 5.81 -6.91
CA VAL C 69 20.52 6.03 -6.20
C VAL C 69 19.93 4.70 -5.76
N ILE C 70 19.63 4.59 -4.48
CA ILE C 70 18.93 3.43 -3.93
C ILE C 70 17.46 3.79 -3.73
N SER C 71 16.60 3.13 -4.50
CA SER C 71 15.15 3.33 -4.42
C SER C 71 14.44 2.07 -4.92
N ASN C 72 13.12 2.13 -5.08
CA ASN C 72 12.38 0.97 -5.55
C ASN C 72 12.52 0.79 -7.05
N TYR C 73 12.03 -0.32 -7.56
CA TYR C 73 12.15 -0.65 -8.98
C TYR C 73 11.55 0.40 -9.90
N GLU C 74 10.31 0.81 -9.63
CA GLU C 74 9.61 1.76 -10.49
C GLU C 74 10.29 3.13 -10.55
N ILE C 75 10.86 3.55 -9.44
CA ILE C 75 11.58 4.83 -9.38
C ILE C 75 12.94 4.71 -10.09
N CYS C 76 13.64 3.60 -9.86
CA CYS C 76 14.95 3.37 -10.46
C CYS C 76 14.85 3.21 -11.98
N HIS C 77 13.73 2.67 -12.45
CA HIS C 77 13.51 2.55 -13.89
C HIS C 77 13.45 3.92 -14.54
N TYR C 78 12.75 4.85 -13.89
CA TYR C 78 12.63 6.23 -14.35
C TYR C 78 14.00 6.91 -14.40
N LEU C 79 14.73 6.85 -13.29
CA LEU C 79 16.04 7.47 -13.21
C LEU C 79 17.03 6.79 -14.17
N GLY C 80 16.78 5.52 -14.46
CA GLY C 80 17.61 4.79 -15.41
C GLY C 80 17.55 5.44 -16.78
N LYS C 81 16.34 5.79 -17.22
CA LYS C 81 16.16 6.43 -18.51
C LYS C 81 16.67 7.88 -18.50
N LYS C 82 17.09 8.37 -17.35
CA LYS C 82 17.75 9.68 -17.26
C LYS C 82 19.27 9.50 -17.22
N GLY C 83 19.73 8.28 -17.49
CA GLY C 83 21.15 7.96 -17.40
C GLY C 83 21.68 8.17 -16.00
N VAL C 84 21.08 7.50 -15.03
CA VAL C 84 21.51 7.63 -13.63
C VAL C 84 21.77 6.25 -13.04
N LYS C 85 22.89 6.13 -12.34
CA LYS C 85 23.29 4.87 -11.72
C LYS C 85 22.34 4.52 -10.58
N THR C 86 21.71 3.35 -10.65
CA THR C 86 20.72 2.94 -9.66
C THR C 86 20.92 1.51 -9.15
N HIS C 87 20.67 1.30 -7.86
CA HIS C 87 20.53 -0.05 -7.30
C HIS C 87 19.10 -0.24 -6.80
N ALA C 88 18.30 -0.95 -7.59
CA ALA C 88 16.88 -1.08 -7.32
C ALA C 88 16.60 -2.10 -6.23
N MET C 89 15.64 -1.77 -5.37
CA MET C 89 15.16 -2.67 -4.35
C MET C 89 13.64 -2.59 -4.33
N HIS C 90 13.04 -3.08 -3.25
CA HIS C 90 11.65 -2.80 -2.95
C HIS C 90 11.28 -3.12 -1.51
N ILE C 91 10.01 -2.90 -1.17
CA ILE C 91 9.59 -2.86 0.21
C ILE C 91 9.89 -4.16 0.93
N GLY C 92 10.63 -4.06 2.03
CA GLY C 92 10.98 -5.19 2.89
C GLY C 92 12.28 -5.85 2.49
N GLY C 93 12.80 -5.43 1.34
CA GLY C 93 14.07 -5.96 0.85
C GLY C 93 15.27 -5.31 1.50
N SER C 94 16.19 -6.12 2.01
CA SER C 94 17.44 -5.60 2.53
C SER C 94 18.55 -5.88 1.54
N TYR C 95 19.65 -5.14 1.66
CA TYR C 95 20.85 -5.42 0.87
C TYR C 95 22.09 -4.86 1.59
N LEU C 96 23.20 -5.59 1.49
CA LEU C 96 24.43 -5.20 2.16
C LEU C 96 25.37 -4.51 1.20
N PHE C 97 25.51 -3.19 1.36
CA PHE C 97 26.45 -2.41 0.57
C PHE C 97 27.78 -2.31 1.31
N ASP C 98 28.78 -1.72 0.67
CA ASP C 98 30.08 -1.51 1.30
C ASP C 98 30.03 -0.72 2.61
N PHE C 99 29.17 0.31 2.67
CA PHE C 99 29.07 1.16 3.87
C PHE C 99 28.26 0.51 4.97
N GLY C 100 27.32 -0.35 4.57
CA GLY C 100 26.43 -1.02 5.52
C GLY C 100 25.20 -1.57 4.83
N ARG C 101 24.18 -1.89 5.64
CA ARG C 101 22.97 -2.50 5.10
C ARG C 101 21.81 -1.51 5.03
N VAL C 102 21.11 -1.53 3.90
CA VAL C 102 19.90 -0.73 3.71
C VAL C 102 18.67 -1.64 3.54
N LYS C 103 17.61 -1.34 4.27
CA LYS C 103 16.32 -2.03 4.09
C LYS C 103 15.20 -1.02 3.81
N MET C 104 14.39 -1.29 2.78
CA MET C 104 13.23 -0.46 2.49
C MET C 104 12.07 -0.88 3.37
N THR C 105 11.68 -0.01 4.29
CA THR C 105 10.56 -0.26 5.17
C THR C 105 9.26 0.18 4.52
N PRO C 106 8.13 -0.46 4.91
CA PRO C 106 6.83 0.00 4.48
C PRO C 106 6.51 1.42 4.91
N ALA C 107 5.62 2.07 4.17
CA ALA C 107 5.09 3.38 4.52
C ALA C 107 3.76 3.56 3.82
N VAL C 108 2.86 4.29 4.47
CA VAL C 108 1.54 4.59 3.90
C VAL C 108 1.52 6.00 3.31
N HIS C 109 1.67 6.08 2.00
CA HIS C 109 1.70 7.36 1.30
C HIS C 109 1.47 7.11 -0.21
N GLY C 110 1.82 8.08 -1.03
CA GLY C 110 1.88 7.87 -2.47
C GLY C 110 3.29 8.08 -2.99
N SER C 111 3.53 7.60 -4.21
CA SER C 111 4.85 7.68 -4.81
C SER C 111 4.75 8.00 -6.29
N GLY C 112 4.06 9.09 -6.60
CA GLY C 112 3.96 9.57 -7.97
C GLY C 112 5.13 10.43 -8.37
N ILE C 113 5.67 10.18 -9.56
CA ILE C 113 6.76 11.00 -10.10
C ILE C 113 6.18 11.99 -11.10
N LEU C 114 6.46 13.27 -10.90
CA LEU C 114 5.87 14.32 -11.71
C LEU C 114 6.80 14.80 -12.81
N ASP C 115 6.63 14.25 -14.02
CA ASP C 115 7.44 14.65 -15.17
C ASP C 115 6.71 15.73 -15.98
N GLY C 116 7.20 16.96 -15.88
CA GLY C 116 6.54 18.10 -16.49
C GLY C 116 5.19 18.31 -15.83
N ASP C 117 4.14 17.79 -16.44
CA ASP C 117 2.81 17.81 -15.84
C ASP C 117 2.17 16.42 -15.86
N SER C 118 2.97 15.39 -16.17
CA SER C 118 2.49 14.03 -16.16
C SER C 118 2.83 13.35 -14.84
N MET C 119 1.86 12.69 -14.23
CA MET C 119 2.07 11.97 -12.99
C MET C 119 2.38 10.51 -13.31
N ILE C 120 3.66 10.17 -13.31
CA ILE C 120 4.16 8.85 -13.66
C ILE C 120 4.12 7.93 -12.43
N TYR C 121 3.82 6.65 -12.66
CA TYR C 121 3.86 5.67 -11.58
C TYR C 121 5.26 5.46 -11.05
N GLY C 122 5.45 5.71 -9.77
CA GLY C 122 6.76 5.52 -9.14
C GLY C 122 6.74 4.48 -8.06
N GLY C 123 5.94 3.43 -8.25
CA GLY C 123 5.87 2.32 -7.31
C GLY C 123 5.17 2.70 -6.02
N ASN C 124 5.60 2.11 -4.92
CA ASN C 124 5.01 2.40 -3.63
C ASN C 124 6.02 2.99 -2.67
N PRO C 125 5.61 4.00 -1.90
CA PRO C 125 6.50 4.77 -1.04
C PRO C 125 7.06 3.93 0.10
N SER C 126 8.22 4.34 0.59
CA SER C 126 8.91 3.58 1.61
C SER C 126 9.52 4.44 2.70
N GLY C 127 10.16 3.77 3.63
CA GLY C 127 11.09 4.37 4.58
C GLY C 127 12.42 3.68 4.37
N PHE C 128 13.37 3.88 5.27
CA PHE C 128 14.67 3.23 5.17
C PHE C 128 15.22 2.87 6.53
N LEU C 129 15.63 1.61 6.68
CA LEU C 129 16.32 1.17 7.89
C LEU C 129 17.78 0.89 7.56
N ILE C 130 18.62 1.88 7.86
CA ILE C 130 20.04 1.81 7.53
C ILE C 130 20.83 1.36 8.74
N THR C 131 21.67 0.37 8.55
CA THR C 131 22.55 -0.13 9.62
C THR C 131 24.01 0.05 9.21
N ILE C 132 24.70 0.96 9.90
CA ILE C 132 26.12 1.23 9.64
C ILE C 132 26.93 1.05 10.92
N GLU C 133 27.85 0.09 10.88
CA GLU C 133 28.72 -0.21 12.02
C GLU C 133 27.93 -0.44 13.31
N GLY C 134 26.92 -1.29 13.24
CA GLY C 134 26.10 -1.66 14.40
C GLY C 134 25.08 -0.61 14.84
N LYS C 135 25.10 0.54 14.19
CA LYS C 135 24.13 1.60 14.49
C LYS C 135 22.95 1.49 13.54
N LYS C 136 21.77 1.88 14.00
CA LYS C 136 20.56 1.79 13.20
C LYS C 136 19.87 3.13 13.09
N ILE C 137 19.59 3.52 11.84
CA ILE C 137 18.87 4.76 11.55
C ILE C 137 17.58 4.46 10.83
N TYR C 138 16.44 4.88 11.40
CA TYR C 138 15.16 4.74 10.71
C TYR C 138 14.69 6.07 10.14
N HIS C 139 14.64 6.16 8.82
CA HIS C 139 14.02 7.30 8.13
C HIS C 139 12.64 6.86 7.69
N ALA C 140 11.62 7.33 8.40
CA ALA C 140 10.24 6.89 8.15
C ALA C 140 9.78 7.15 6.73
N GLY C 141 10.24 8.27 6.17
CA GLY C 141 9.77 8.76 4.90
C GLY C 141 8.54 9.61 5.15
N ASP C 142 7.86 9.99 4.08
CA ASP C 142 6.56 10.62 4.22
C ASP C 142 5.57 9.52 4.44
N THR C 143 4.88 9.56 5.57
CA THR C 143 3.98 8.46 5.92
C THR C 143 3.03 8.83 7.04
N GLY C 144 1.87 8.18 7.03
CA GLY C 144 0.98 8.18 8.18
C GLY C 144 1.34 7.08 9.15
N LEU C 145 0.57 7.00 10.22
CA LEU C 145 0.76 5.94 11.22
C LEU C 145 0.30 4.62 10.63
N THR C 146 1.16 3.62 10.72
CA THR C 146 0.85 2.27 10.26
C THR C 146 1.41 1.24 11.25
N ARG C 147 0.75 0.10 11.33
CA ARG C 147 1.18 -0.94 12.26
C ARG C 147 2.46 -1.64 11.81
N GLU C 148 2.86 -1.42 10.56
CA GLU C 148 4.09 -1.98 10.04
C GLU C 148 5.29 -1.44 10.79
N MET C 149 5.13 -0.28 11.43
CA MET C 149 6.18 0.35 12.22
C MET C 149 6.54 -0.47 13.45
N GLU C 150 5.60 -1.30 13.90
CA GLU C 150 5.84 -2.20 15.01
C GLU C 150 6.80 -3.33 14.67
N LEU C 151 7.05 -3.56 13.38
CA LEU C 151 8.03 -4.54 12.97
C LEU C 151 9.44 -4.06 13.27
N LEU C 152 9.59 -2.75 13.49
CA LEU C 152 10.89 -2.13 13.78
C LEU C 152 11.24 -2.14 15.28
N ALA C 153 10.31 -2.54 16.11
CA ALA C 153 10.49 -2.40 17.55
C ALA C 153 11.69 -3.19 18.06
N GLU C 154 11.89 -4.40 17.52
CA GLU C 154 12.98 -5.29 17.98
C GLU C 154 14.34 -4.91 17.40
N GLU C 155 14.37 -3.99 16.44
CA GLU C 155 15.64 -3.52 15.88
C GLU C 155 16.45 -2.72 16.87
N ASN C 156 15.77 -2.13 17.85
CA ASN C 156 16.40 -1.24 18.83
C ASN C 156 17.13 -0.15 18.11
N VAL C 157 16.38 0.55 17.26
CA VAL C 157 16.90 1.65 16.46
C VAL C 157 17.48 2.73 17.38
N ASP C 158 18.69 3.19 17.03
CA ASP C 158 19.36 4.25 17.78
C ASP C 158 18.71 5.61 17.54
N VAL C 159 18.48 5.93 16.28
CA VAL C 159 17.89 7.22 15.89
C VAL C 159 16.77 7.03 14.86
N ALA C 160 15.59 7.62 15.14
CA ALA C 160 14.45 7.51 14.22
C ALA C 160 13.92 8.89 13.80
N PHE C 161 13.88 9.12 12.49
CA PHE C 161 13.32 10.36 11.92
C PHE C 161 11.85 10.17 11.55
N LEU C 162 10.96 10.83 12.27
CA LEU C 162 9.52 10.73 12.04
C LEU C 162 8.92 12.08 11.66
N PRO C 163 8.00 12.09 10.69
CA PRO C 163 7.29 13.32 10.31
C PRO C 163 6.21 13.70 11.32
N ILE C 164 6.00 15.00 11.51
CA ILE C 164 4.99 15.49 12.46
C ILE C 164 4.09 16.62 11.91
N GLY C 165 4.32 17.01 10.66
CA GLY C 165 3.64 18.18 10.08
C GLY C 165 2.13 18.10 9.94
N GLY C 166 1.60 16.89 9.79
CA GLY C 166 0.18 16.68 9.57
C GLY C 166 -0.23 16.87 8.11
N ASN C 167 -1.51 16.62 7.83
CA ASN C 167 -2.12 16.83 6.51
C ASN C 167 -1.61 15.89 5.43
N PHE C 168 -0.31 15.96 5.10
CA PHE C 168 0.30 15.02 4.16
C PHE C 168 0.92 13.82 4.90
N VAL C 169 1.34 14.08 6.13
CA VAL C 169 2.01 13.07 6.95
C VAL C 169 1.33 12.97 8.31
N MET C 170 1.94 12.25 9.24
CA MET C 170 1.43 12.17 10.61
C MET C 170 1.42 13.56 11.25
N ASP C 171 0.48 13.79 12.16
CA ASP C 171 0.54 14.99 13.00
C ASP C 171 1.28 14.62 14.28
N VAL C 172 1.45 15.60 15.16
CA VAL C 172 2.22 15.42 16.39
C VAL C 172 1.69 14.26 17.23
N GLU C 173 0.37 14.15 17.31
CA GLU C 173 -0.27 13.11 18.12
C GLU C 173 0.00 11.70 17.61
N ASP C 174 -0.11 11.54 16.29
CA ASP C 174 0.13 10.26 15.66
C ASP C 174 1.61 9.88 15.63
N ALA C 175 2.48 10.88 15.54
CA ALA C 175 3.93 10.65 15.50
C ALA C 175 4.40 10.12 16.84
N VAL C 176 3.75 10.55 17.92
CA VAL C 176 4.07 10.02 19.24
C VAL C 176 3.64 8.55 19.31
N ARG C 177 2.49 8.23 18.71
CA ARG C 177 2.04 6.84 18.63
C ARG C 177 3.03 5.99 17.85
N ALA C 178 3.53 6.55 16.76
CA ALA C 178 4.51 5.86 15.94
C ALA C 178 5.82 5.64 16.69
N ALA C 179 6.21 6.62 17.50
CA ALA C 179 7.45 6.51 18.27
C ALA C 179 7.40 5.41 19.32
N VAL C 180 6.24 5.27 19.97
CA VAL C 180 6.03 4.22 20.97
C VAL C 180 5.97 2.85 20.30
N MET C 181 5.49 2.82 19.06
CA MET C 181 5.47 1.59 18.26
C MET C 181 6.88 1.10 18.03
N ILE C 182 7.72 2.02 17.55
CA ILE C 182 9.09 1.72 17.16
C ILE C 182 9.97 1.53 18.39
N LYS C 183 9.74 2.35 19.41
CA LYS C 183 10.53 2.32 20.64
C LYS C 183 12.03 2.40 20.36
N PRO C 184 12.47 3.52 19.75
CA PRO C 184 13.89 3.68 19.49
C PRO C 184 14.60 4.37 20.65
N LYS C 185 15.90 4.58 20.51
CA LYS C 185 16.68 5.25 21.53
C LYS C 185 16.44 6.76 21.46
N LYS C 186 16.63 7.33 20.28
CA LYS C 186 16.34 8.74 20.03
C LYS C 186 15.32 8.89 18.90
N VAL C 187 14.59 10.00 18.93
CA VAL C 187 13.65 10.35 17.86
C VAL C 187 13.85 11.80 17.42
N VAL C 188 13.89 12.02 16.12
CA VAL C 188 14.07 13.36 15.57
C VAL C 188 12.89 13.73 14.69
N PRO C 189 12.13 14.78 15.07
CA PRO C 189 11.03 15.22 14.25
C PRO C 189 11.50 15.85 12.94
N MET C 190 10.83 15.50 11.86
CA MET C 190 11.07 16.10 10.56
C MET C 190 9.73 16.38 9.85
N HIS C 191 9.81 16.86 8.62
CA HIS C 191 8.63 17.26 7.86
C HIS C 191 7.73 18.23 8.63
N TYR C 192 8.27 19.39 9.01
CA TYR C 192 7.48 20.43 9.66
C TYR C 192 8.02 21.81 9.33
N GLY C 193 7.15 22.81 9.36
CA GLY C 193 7.54 24.23 9.17
C GLY C 193 7.97 24.65 7.77
N THR C 194 8.14 23.68 6.87
CA THR C 194 8.57 23.96 5.50
C THR C 194 7.57 24.87 4.76
N TRP C 195 6.28 24.65 5.03
CA TRP C 195 5.21 25.47 4.48
C TRP C 195 4.26 25.88 5.61
N GLU C 196 3.27 26.70 5.28
CA GLU C 196 2.27 27.12 6.27
C GLU C 196 1.36 25.95 6.65
N LEU C 197 1.06 25.10 5.67
CA LEU C 197 0.17 23.96 5.87
C LEU C 197 0.71 22.99 6.93
N ILE C 198 2.02 22.89 7.04
CA ILE C 198 2.66 21.91 7.91
C ILE C 198 3.50 22.54 9.03
N PHE C 199 3.05 23.67 9.56
CA PHE C 199 3.58 24.15 10.86
C PHE C 199 3.07 23.18 11.93
N ALA C 200 3.92 22.84 12.90
CA ALA C 200 3.53 21.90 13.94
C ALA C 200 4.23 22.22 15.24
N ASP C 201 3.56 22.01 16.36
CA ASP C 201 4.13 22.33 17.65
C ASP C 201 5.26 21.36 18.00
N VAL C 202 6.42 21.60 17.42
CA VAL C 202 7.58 20.73 17.58
C VAL C 202 7.98 20.60 19.04
N GLU C 203 7.81 21.66 19.81
CA GLU C 203 8.13 21.64 21.23
C GLU C 203 7.19 20.71 22.00
N LEU C 204 5.92 20.75 21.65
CA LEU C 204 4.92 19.89 22.29
C LEU C 204 5.20 18.42 22.01
N PHE C 205 5.71 18.14 20.80
CA PHE C 205 6.05 16.79 20.40
C PHE C 205 7.11 16.21 21.32
N LYS C 206 8.19 16.97 21.49
CA LYS C 206 9.30 16.56 22.35
C LYS C 206 8.80 16.29 23.76
N LYS C 207 7.93 17.16 24.26
CA LYS C 207 7.40 17.01 25.60
C LYS C 207 6.64 15.69 25.71
N LYS C 208 5.72 15.47 24.76
CA LYS C 208 4.80 14.33 24.82
C LYS C 208 5.47 12.99 24.52
N VAL C 209 6.49 13.01 23.66
CA VAL C 209 7.16 11.77 23.27
C VAL C 209 8.13 11.33 24.36
N GLU C 210 8.68 12.30 25.10
CA GLU C 210 9.60 12.01 26.19
C GLU C 210 8.83 11.61 27.43
N GLU C 211 7.57 12.00 27.52
CA GLU C 211 6.67 11.50 28.57
C GLU C 211 6.49 9.99 28.42
N LYS C 212 6.48 9.52 27.18
CA LYS C 212 6.33 8.10 26.89
C LYS C 212 7.66 7.38 26.97
N GLY C 213 8.72 8.12 27.27
CA GLY C 213 10.02 7.53 27.57
C GLY C 213 10.91 7.35 26.37
N VAL C 214 10.79 8.24 25.38
CA VAL C 214 11.67 8.21 24.21
C VAL C 214 12.33 9.57 24.06
N GLU C 215 13.64 9.61 24.23
CA GLU C 215 14.38 10.88 24.16
C GLU C 215 14.22 11.53 22.78
N CYS C 216 13.91 12.82 22.78
CA CYS C 216 13.70 13.55 21.54
C CYS C 216 14.82 14.55 21.29
N VAL C 217 15.25 14.63 20.03
CA VAL C 217 16.31 15.55 19.64
C VAL C 217 15.80 16.44 18.52
N ILE C 218 15.37 17.64 18.89
CA ILE C 218 14.94 18.63 17.91
C ILE C 218 16.15 19.17 17.16
N LEU C 219 16.37 18.62 15.97
CA LEU C 219 17.42 19.13 15.10
C LEU C 219 16.83 20.15 14.14
N GLU C 220 17.41 21.35 14.14
CA GLU C 220 17.06 22.36 13.14
C GLU C 220 17.92 22.16 11.90
N PRO C 221 17.42 22.59 10.74
CA PRO C 221 18.11 22.34 9.47
C PRO C 221 19.57 22.82 9.48
N GLY C 222 20.50 21.89 9.56
CA GLY C 222 21.91 22.22 9.67
C GLY C 222 22.51 21.62 10.91
N GLU C 223 21.70 21.43 11.95
CA GLU C 223 22.17 20.76 13.17
C GLU C 223 22.37 19.28 12.90
N SER C 224 23.13 18.62 13.76
CA SER C 224 23.42 17.18 13.59
C SER C 224 23.71 16.52 14.91
N LEU C 225 23.84 15.20 14.87
CA LEU C 225 24.29 14.41 16.01
C LEU C 225 25.21 13.30 15.52
N GLU C 226 25.75 12.50 16.43
CA GLU C 226 26.72 11.48 16.08
C GLU C 226 26.36 10.08 16.59
N LEU C 227 26.99 9.06 16.00
CA LEU C 227 26.72 7.66 16.36
C LEU C 227 28.00 6.87 16.44
MN MN D . -13.31 -0.95 -8.49
MN MN E . 10.92 -7.49 -9.43
MN MN F . 3.69 15.21 -0.84
#